data_8FGG
#
_entry.id   8FGG
#
_cell.length_a   52.264
_cell.length_b   121.780
_cell.length_c   164.566
_cell.angle_alpha   90.000
_cell.angle_beta   90.000
_cell.angle_gamma   90.000
#
_symmetry.space_group_name_H-M   'P 21 21 21'
#
loop_
_entity.id
_entity.type
_entity.pdbx_description
1 polymer 'Nitric oxide synthase, brain'
2 non-polymer 'PROTOPORPHYRIN IX CONTAINING FE'
3 non-polymer 5,6,7,8-TETRAHYDROBIOPTERIN
4 non-polymer 6-(2-{5-[2-(dimethylamino)ethyl]-2,3-difluorophenyl}ethyl)-4-methylpyridin-2-amine
5 non-polymer GLYCEROL
6 non-polymer 'ZINC ION'
7 water water
#
_entity_poly.entity_id   1
_entity_poly.type   'polypeptide(L)'
_entity_poly.pdbx_seq_one_letter_code
;CPRFLKVKNWETEVVLTDTLHLKSTLETGCTEYICMGSIMHPSQHARRPEDVATKDQLFPLAKEFIDQYYSSIKRFGSKA
HMERLEEVNKEIDTTSTYQLKDTELIYGAKHAWRNASRCVGRIQWSKLQVFDARDCTTAHGMFNYICNHVKYATNKGNLR
SAITIFPQRTDGKHDFRVWNSQLIRYAGYKQPDGSTLGDPANVQFTEICIQQGWKPPRGRFDVLPLLLQANGNDPELFQI
PPELVLEVPIRHPKFEWFKDLGLKWYGLPAVSNMLLEIGGLEFSACPFSGWYMGTEIGVRDYCDNSRYNILEEVAKKMNL
DMRKTSSLWKDQALVEINIAVLYSFQSDKVTIVDHHSATESFIKHMENEYRCRGGCPADWVWIVPPMSGSITPVFHQEML
NYRLTPSFEYQPDPWNTHVWK
;
_entity_poly.pdbx_strand_id   A,B
#
loop_
_chem_comp.id
_chem_comp.type
_chem_comp.name
_chem_comp.formula
GOL non-polymer GLYCEROL 'C3 H8 O3'
H4B non-polymer 5,6,7,8-TETRAHYDROBIOPTERIN 'C9 H15 N5 O3'
HEM non-polymer 'PROTOPORPHYRIN IX CONTAINING FE' 'C34 H32 Fe N4 O4'
XVU non-polymer 6-(2-{5-[2-(dimethylamino)ethyl]-2,3-difluorophenyl}ethyl)-4-methylpyridin-2-amine 'C18 H23 F2 N3'
ZN non-polymer 'ZINC ION' 'Zn 2'
#
# COMPACT_ATOMS: atom_id res chain seq x y z
N CYS A 1 -12.59 22.72 -2.70
CA CYS A 1 -12.13 21.44 -3.25
C CYS A 1 -11.83 21.59 -4.75
N PRO A 2 -10.62 21.20 -5.17
CA PRO A 2 -10.22 21.44 -6.56
C PRO A 2 -11.03 20.59 -7.53
N ARG A 3 -11.29 21.18 -8.71
CA ARG A 3 -12.13 20.53 -9.70
C ARG A 3 -11.41 19.38 -10.40
N PHE A 4 -10.14 19.56 -10.73
CA PHE A 4 -9.37 18.57 -11.46
C PHE A 4 -8.21 18.10 -10.58
N LEU A 5 -8.07 16.80 -10.41
CA LEU A 5 -6.95 16.21 -9.70
C LEU A 5 -6.21 15.27 -10.65
N LYS A 6 -4.88 15.30 -10.60
CA LYS A 6 -4.06 14.53 -11.51
C LYS A 6 -3.44 13.34 -10.80
N VAL A 7 -3.46 12.19 -11.45
CA VAL A 7 -2.72 11.01 -10.99
C VAL A 7 -1.73 10.64 -12.08
N LYS A 8 -0.59 10.11 -11.65
CA LYS A 8 0.50 9.78 -12.54
C LYS A 8 0.87 8.31 -12.38
N ASN A 9 1.25 7.67 -13.48
CA ASN A 9 1.91 6.37 -13.43
C ASN A 9 3.42 6.62 -13.58
N TRP A 10 4.19 6.15 -12.61
CA TRP A 10 5.61 6.47 -12.54
C TRP A 10 6.46 5.54 -13.38
N GLU A 11 5.88 4.48 -13.91
CA GLU A 11 6.55 3.59 -14.84
C GLU A 11 6.33 3.98 -16.29
N THR A 12 5.12 4.41 -16.67
CA THR A 12 4.81 4.75 -18.05
C THR A 12 4.74 6.25 -18.32
N GLU A 13 4.79 7.09 -17.28
CA GLU A 13 4.63 8.54 -17.33
C GLU A 13 3.21 8.99 -17.67
N VAL A 14 2.24 8.08 -17.81
CA VAL A 14 0.87 8.48 -18.15
C VAL A 14 0.26 9.30 -17.02
N VAL A 15 -0.35 10.43 -17.37
CA VAL A 15 -1.05 11.29 -16.42
C VAL A 15 -2.54 11.25 -16.74
N LEU A 16 -3.36 11.05 -15.71
CA LEU A 16 -4.81 11.04 -15.84
C LEU A 16 -5.41 12.12 -14.95
N THR A 17 -6.61 12.57 -15.33
CA THR A 17 -7.25 13.72 -14.68
C THR A 17 -8.60 13.27 -14.14
N ASP A 18 -8.85 13.54 -12.87
CA ASP A 18 -10.01 13.04 -12.14
C ASP A 18 -10.94 14.19 -11.82
N THR A 19 -12.19 14.09 -12.30
CA THR A 19 -13.27 14.98 -11.87
C THR A 19 -14.35 14.25 -11.12
N LEU A 20 -14.38 12.92 -11.18
CA LEU A 20 -15.44 12.16 -10.53
C LEU A 20 -15.42 12.29 -9.01
N HIS A 21 -14.25 12.59 -8.43
CA HIS A 21 -14.13 12.73 -6.98
C HIS A 21 -15.09 13.78 -6.42
N LEU A 22 -15.50 14.75 -7.25
CA LEU A 22 -16.43 15.78 -6.80
C LEU A 22 -17.80 15.21 -6.44
N LYS A 23 -18.11 14.01 -6.90
CA LYS A 23 -19.35 13.32 -6.58
C LYS A 23 -19.24 12.46 -5.32
N SER A 24 -18.10 12.45 -4.64
CA SER A 24 -17.96 11.58 -3.49
C SER A 24 -18.97 11.98 -2.41
N THR A 25 -19.50 10.99 -1.71
CA THR A 25 -20.65 11.22 -0.85
C THR A 25 -20.42 10.84 0.61
N LEU A 26 -19.51 9.92 0.92
CA LEU A 26 -19.26 9.57 2.31
C LEU A 26 -17.77 9.70 2.63
N GLU A 27 -17.46 9.56 3.91
CA GLU A 27 -16.17 9.95 4.46
C GLU A 27 -15.14 8.83 4.35
N THR A 28 -13.88 9.21 4.11
CA THR A 28 -12.81 8.24 4.01
C THR A 28 -12.23 7.88 5.38
N GLY A 29 -12.34 8.79 6.35
CA GLY A 29 -11.64 8.66 7.60
C GLY A 29 -10.42 9.55 7.69
N CYS A 30 -9.83 9.92 6.56
CA CYS A 30 -8.73 10.86 6.58
C CYS A 30 -9.23 12.24 6.93
N THR A 31 -8.31 13.08 7.42
CA THR A 31 -8.50 14.51 7.57
C THR A 31 -7.33 15.22 6.92
N GLU A 32 -7.39 16.56 6.96
CA GLU A 32 -6.33 17.39 6.42
C GLU A 32 -4.98 17.12 7.09
N TYR A 33 -4.97 16.58 8.32
CA TYR A 33 -3.75 16.40 9.08
C TYR A 33 -3.35 14.96 9.31
N ILE A 34 -4.19 13.99 8.98
CA ILE A 34 -3.83 12.58 9.20
C ILE A 34 -4.43 11.75 8.09
N CYS A 35 -3.68 10.76 7.60
CA CYS A 35 -4.16 9.85 6.58
C CYS A 35 -4.36 8.47 7.19
N MET A 36 -5.58 7.95 7.05
CA MET A 36 -5.97 6.63 7.54
C MET A 36 -6.04 5.61 6.44
N GLY A 37 -5.32 5.84 5.34
CA GLY A 37 -5.42 4.98 4.18
C GLY A 37 -5.06 3.52 4.40
N SER A 38 -4.38 3.19 5.50
CA SER A 38 -4.05 1.78 5.76
C SER A 38 -4.89 1.19 6.88
N ILE A 39 -5.88 1.93 7.39
CA ILE A 39 -6.80 1.42 8.41
C ILE A 39 -7.86 0.58 7.72
N MET A 40 -8.10 -0.64 8.25
CA MET A 40 -9.00 -1.56 7.56
C MET A 40 -10.46 -1.12 7.66
N HIS A 41 -10.90 -0.69 8.84
CA HIS A 41 -12.27 -0.21 9.04
C HIS A 41 -12.21 1.16 9.69
N PRO A 42 -12.07 2.23 8.90
CA PRO A 42 -11.93 3.59 9.44
C PRO A 42 -13.18 4.06 10.20
N ARG A 48 -25.43 2.56 15.42
CA ARG A 48 -26.46 1.61 15.85
C ARG A 48 -27.26 1.12 14.65
N PRO A 49 -27.58 -0.19 14.63
CA PRO A 49 -28.43 -0.72 13.55
C PRO A 49 -29.92 -0.50 13.75
N GLU A 50 -30.36 -0.22 14.98
CA GLU A 50 -31.76 0.14 15.23
C GLU A 50 -32.09 1.51 14.66
N ASP A 51 -31.09 2.36 14.43
CA ASP A 51 -31.29 3.64 13.75
C ASP A 51 -31.48 3.39 12.26
N VAL A 52 -32.61 3.86 11.71
CA VAL A 52 -32.87 3.79 10.29
C VAL A 52 -33.13 5.21 9.78
N ALA A 53 -32.97 5.38 8.48
CA ALA A 53 -33.12 6.69 7.86
C ALA A 53 -34.51 7.26 8.10
N THR A 54 -34.57 8.53 8.51
CA THR A 54 -35.82 9.25 8.62
C THR A 54 -36.29 9.70 7.24
N LYS A 55 -37.58 10.07 7.16
CA LYS A 55 -38.13 10.60 5.92
C LYS A 55 -37.24 11.70 5.34
N ASP A 56 -36.70 12.56 6.22
CA ASP A 56 -35.98 13.74 5.75
C ASP A 56 -34.56 13.39 5.31
N GLN A 57 -33.95 12.36 5.88
CA GLN A 57 -32.68 11.90 5.34
C GLN A 57 -32.87 11.14 4.04
N LEU A 58 -34.05 10.52 3.85
CA LEU A 58 -34.23 9.61 2.73
C LEU A 58 -34.49 10.37 1.43
N PHE A 59 -35.31 11.42 1.47
CA PHE A 59 -35.70 12.23 0.32
C PHE A 59 -34.50 12.60 -0.55
N PRO A 60 -33.49 13.32 -0.05
CA PRO A 60 -32.39 13.71 -0.94
C PRO A 60 -31.57 12.52 -1.42
N LEU A 61 -31.42 11.48 -0.60
CA LEU A 61 -30.66 10.31 -1.04
C LEU A 61 -31.37 9.58 -2.17
N ALA A 62 -32.71 9.49 -2.11
CA ALA A 62 -33.43 8.87 -3.22
C ALA A 62 -33.35 9.71 -4.48
N LYS A 63 -33.52 11.04 -4.36
CA LYS A 63 -33.47 11.88 -5.55
C LYS A 63 -32.11 11.78 -6.22
N GLU A 64 -31.04 11.80 -5.42
CA GLU A 64 -29.69 11.72 -5.97
C GLU A 64 -29.52 10.46 -6.81
N PHE A 65 -29.98 9.32 -6.30
CA PHE A 65 -29.83 8.07 -7.03
C PHE A 65 -30.75 8.00 -8.25
N ILE A 66 -31.99 8.47 -8.12
CA ILE A 66 -32.90 8.47 -9.25
C ILE A 66 -32.38 9.37 -10.38
N ASP A 67 -31.88 10.56 -10.02
CA ASP A 67 -31.26 11.44 -11.00
C ASP A 67 -30.11 10.74 -11.71
N GLN A 68 -29.27 10.06 -10.94
CA GLN A 68 -28.14 9.37 -11.53
C GLN A 68 -28.62 8.27 -12.48
N TYR A 69 -29.65 7.53 -12.09
CA TYR A 69 -30.15 6.44 -12.93
C TYR A 69 -30.71 6.97 -14.23
N TYR A 70 -31.49 8.06 -14.16
CA TYR A 70 -32.08 8.60 -15.38
C TYR A 70 -31.06 9.29 -16.27
N SER A 71 -29.99 9.81 -15.68
CA SER A 71 -28.87 10.31 -16.47
C SER A 71 -28.15 9.17 -17.20
N SER A 72 -27.97 8.03 -16.53
CA SER A 72 -27.29 6.90 -17.15
C SER A 72 -28.03 6.35 -18.36
N ILE A 73 -29.36 6.43 -18.37
CA ILE A 73 -30.15 5.91 -19.48
C ILE A 73 -30.50 7.01 -20.49
N LYS A 74 -29.87 8.18 -20.37
CA LYS A 74 -30.10 9.29 -21.30
C LYS A 74 -31.58 9.70 -21.33
N ARG A 75 -32.18 9.79 -20.15
CA ARG A 75 -33.56 10.27 -20.01
C ARG A 75 -33.66 11.31 -18.89
N PHE A 76 -32.57 12.01 -18.60
CA PHE A 76 -32.58 12.98 -17.52
C PHE A 76 -33.54 14.12 -17.85
N GLY A 77 -34.39 14.46 -16.89
CA GLY A 77 -35.38 15.50 -17.09
C GLY A 77 -36.59 15.09 -17.89
N SER A 78 -36.69 13.81 -18.27
CA SER A 78 -37.81 13.34 -19.05
C SER A 78 -39.07 13.24 -18.19
N LYS A 79 -40.19 13.02 -18.86
CA LYS A 79 -41.46 12.80 -18.16
C LYS A 79 -41.38 11.59 -17.24
N ALA A 80 -40.80 10.48 -17.73
CA ALA A 80 -40.61 9.31 -16.89
C ALA A 80 -39.69 9.60 -15.70
N HIS A 81 -38.72 10.50 -15.86
CA HIS A 81 -37.84 10.85 -14.76
C HIS A 81 -38.59 11.65 -13.68
N MET A 82 -39.29 12.71 -14.09
CA MET A 82 -40.04 13.52 -13.12
C MET A 82 -41.19 12.73 -12.50
N GLU A 83 -41.82 11.83 -13.25
CA GLU A 83 -42.87 11.01 -12.66
C GLU A 83 -42.32 10.02 -11.64
N ARG A 84 -41.14 9.45 -11.92
CA ARG A 84 -40.55 8.52 -10.97
C ARG A 84 -40.13 9.23 -9.69
N LEU A 85 -39.55 10.43 -9.82
CA LEU A 85 -39.27 11.27 -8.66
C LEU A 85 -40.53 11.50 -7.84
N GLU A 86 -41.62 11.85 -8.51
CA GLU A 86 -42.87 12.15 -7.82
C GLU A 86 -43.41 10.92 -7.09
N GLU A 87 -43.35 9.76 -7.75
CA GLU A 87 -43.88 8.53 -7.15
C GLU A 87 -43.02 8.08 -5.96
N VAL A 88 -41.70 8.24 -6.07
CA VAL A 88 -40.81 7.88 -4.95
C VAL A 88 -41.08 8.79 -3.76
N ASN A 89 -41.21 10.10 -4.02
CA ASN A 89 -41.41 11.06 -2.95
C ASN A 89 -42.71 10.80 -2.20
N LYS A 90 -43.78 10.47 -2.93
CA LYS A 90 -45.04 10.10 -2.30
C LYS A 90 -44.87 8.86 -1.44
N GLU A 91 -44.17 7.85 -1.95
CA GLU A 91 -43.96 6.62 -1.20
C GLU A 91 -43.25 6.89 0.13
N ILE A 92 -42.18 7.68 0.08
CA ILE A 92 -41.49 8.03 1.31
C ILE A 92 -42.42 8.75 2.26
N ASP A 93 -43.26 9.64 1.72
CA ASP A 93 -44.12 10.44 2.58
C ASP A 93 -45.16 9.57 3.30
N THR A 94 -45.76 8.62 2.59
CA THR A 94 -46.84 7.81 3.16
C THR A 94 -46.33 6.58 3.89
N THR A 95 -45.18 6.01 3.50
CA THR A 95 -44.71 4.76 4.09
C THR A 95 -43.35 4.86 4.79
N SER A 96 -42.67 6.00 4.73
CA SER A 96 -41.32 6.23 5.27
C SER A 96 -40.26 5.44 4.53
N THR A 97 -40.56 4.83 3.40
CA THR A 97 -39.56 4.12 2.62
C THR A 97 -40.04 4.08 1.17
N TYR A 98 -39.29 3.37 0.32
CA TYR A 98 -39.76 3.16 -1.03
C TYR A 98 -39.12 1.91 -1.60
N GLN A 99 -39.67 1.45 -2.72
CA GLN A 99 -39.23 0.23 -3.37
C GLN A 99 -38.58 0.58 -4.70
N LEU A 100 -37.46 -0.06 -4.98
CA LEU A 100 -36.76 0.11 -6.24
C LEU A 100 -37.42 -0.72 -7.33
N LYS A 101 -37.51 -0.14 -8.53
CA LYS A 101 -37.86 -0.90 -9.72
C LYS A 101 -36.75 -1.89 -10.03
N ASP A 102 -37.09 -2.95 -10.77
CA ASP A 102 -36.09 -3.97 -11.08
C ASP A 102 -34.89 -3.39 -11.83
N THR A 103 -35.16 -2.50 -12.80
CA THR A 103 -34.09 -1.85 -13.54
C THR A 103 -33.17 -1.05 -12.63
N GLU A 104 -33.72 -0.37 -11.62
CA GLU A 104 -32.93 0.45 -10.71
C GLU A 104 -32.13 -0.42 -9.75
N LEU A 105 -32.72 -1.53 -9.31
CA LEU A 105 -31.99 -2.50 -8.47
C LEU A 105 -30.77 -3.02 -9.20
N ILE A 106 -30.94 -3.38 -10.47
CA ILE A 106 -29.83 -3.93 -11.24
C ILE A 106 -28.76 -2.87 -11.47
N TYR A 107 -29.18 -1.66 -11.84
CA TYR A 107 -28.24 -0.57 -12.01
C TYR A 107 -27.47 -0.31 -10.72
N GLY A 108 -28.17 -0.27 -9.58
CA GLY A 108 -27.53 0.05 -8.32
C GLY A 108 -26.52 -0.99 -7.89
N ALA A 109 -26.80 -2.27 -8.11
CA ALA A 109 -25.86 -3.33 -7.74
C ALA A 109 -24.61 -3.27 -8.60
N LYS A 110 -24.78 -3.14 -9.91
CA LYS A 110 -23.63 -3.03 -10.79
C LYS A 110 -22.80 -1.82 -10.44
N HIS A 111 -23.43 -0.75 -10.01
CA HIS A 111 -22.64 0.43 -9.72
C HIS A 111 -21.99 0.37 -8.35
N ALA A 112 -22.55 -0.37 -7.40
CA ALA A 112 -21.86 -0.56 -6.15
C ALA A 112 -20.56 -1.32 -6.37
N TRP A 113 -20.58 -2.30 -7.29
CA TRP A 113 -19.33 -2.97 -7.65
C TRP A 113 -18.38 -2.01 -8.35
N ARG A 114 -18.88 -1.27 -9.34
CA ARG A 114 -18.05 -0.35 -10.11
C ARG A 114 -17.37 0.66 -9.20
N ASN A 115 -18.04 1.02 -8.10
CA ASN A 115 -17.59 1.98 -7.12
C ASN A 115 -16.74 1.36 -6.00
N ALA A 116 -16.56 0.04 -5.99
CA ALA A 116 -15.89 -0.61 -4.87
C ALA A 116 -14.37 -0.35 -4.97
N SER A 117 -13.88 0.65 -4.24
CA SER A 117 -12.49 1.05 -4.45
CA SER A 117 -12.48 1.08 -4.36
C SER A 117 -11.48 -0.04 -4.08
N ARG A 118 -11.87 -1.02 -3.28
CA ARG A 118 -10.91 -2.05 -2.88
C ARG A 118 -10.87 -3.25 -3.81
N CYS A 119 -11.62 -3.24 -4.93
CA CYS A 119 -11.76 -4.41 -5.80
C CYS A 119 -10.94 -4.24 -7.08
N VAL A 120 -9.97 -5.13 -7.30
CA VAL A 120 -9.15 -5.13 -8.51
C VAL A 120 -9.86 -5.76 -9.71
N GLY A 121 -11.01 -6.38 -9.50
CA GLY A 121 -11.64 -7.14 -10.56
C GLY A 121 -12.74 -6.38 -11.29
N ARG A 122 -12.78 -5.05 -11.12
CA ARG A 122 -13.91 -4.27 -11.61
C ARG A 122 -13.98 -4.12 -13.11
N ILE A 123 -13.01 -4.58 -13.91
CA ILE A 123 -13.20 -4.48 -15.36
C ILE A 123 -14.47 -5.22 -15.79
N GLN A 124 -14.95 -6.15 -14.96
CA GLN A 124 -16.10 -7.00 -15.22
C GLN A 124 -17.42 -6.41 -14.74
N TRP A 125 -17.42 -5.19 -14.19
CA TRP A 125 -18.54 -4.74 -13.36
C TRP A 125 -19.87 -4.78 -14.10
N SER A 126 -19.89 -4.49 -15.40
CA SER A 126 -21.19 -4.45 -16.09
C SER A 126 -21.73 -5.84 -16.40
N LYS A 127 -20.93 -6.88 -16.23
CA LYS A 127 -21.33 -8.27 -16.48
C LYS A 127 -21.54 -8.91 -15.11
N LEU A 128 -22.73 -8.67 -14.55
CA LEU A 128 -23.07 -9.14 -13.22
C LEU A 128 -24.52 -9.60 -13.27
N GLN A 129 -24.75 -10.88 -12.95
CA GLN A 129 -26.09 -11.43 -12.90
C GLN A 129 -26.74 -11.09 -11.57
N VAL A 130 -27.82 -10.31 -11.59
CA VAL A 130 -28.49 -9.88 -10.37
C VAL A 130 -29.73 -10.75 -10.15
N PHE A 131 -29.81 -11.42 -9.00
CA PHE A 131 -30.99 -12.20 -8.63
C PHE A 131 -31.79 -11.41 -7.61
N ASP A 132 -33.03 -11.07 -7.96
CA ASP A 132 -33.91 -10.29 -7.10
C ASP A 132 -34.58 -11.25 -6.13
N ALA A 133 -34.20 -11.22 -4.86
CA ALA A 133 -34.81 -12.08 -3.86
C ALA A 133 -35.60 -11.27 -2.84
N ARG A 134 -36.13 -10.12 -3.26
CA ARG A 134 -36.85 -9.28 -2.31
C ARG A 134 -38.22 -9.85 -1.93
N ASP A 135 -38.66 -10.96 -2.51
CA ASP A 135 -39.91 -11.61 -2.11
C ASP A 135 -39.70 -12.71 -1.07
N CYS A 136 -38.46 -12.90 -0.62
CA CYS A 136 -38.13 -13.92 0.36
C CYS A 136 -38.68 -13.54 1.72
N THR A 137 -39.15 -14.53 2.48
CA THR A 137 -39.74 -14.29 3.79
C THR A 137 -39.15 -15.15 4.89
N THR A 138 -38.47 -16.24 4.58
CA THR A 138 -38.06 -17.19 5.59
C THR A 138 -36.62 -17.62 5.32
N ALA A 139 -36.01 -18.24 6.33
CA ALA A 139 -34.63 -18.71 6.20
C ALA A 139 -34.53 -19.87 5.22
N HIS A 140 -35.56 -20.73 5.18
CA HIS A 140 -35.61 -21.78 4.17
C HIS A 140 -35.59 -21.20 2.76
N GLY A 141 -36.35 -20.11 2.53
CA GLY A 141 -36.33 -19.46 1.23
C GLY A 141 -34.99 -18.83 0.91
N MET A 142 -34.33 -18.23 1.93
CA MET A 142 -32.99 -17.71 1.72
C MET A 142 -32.06 -18.83 1.27
N PHE A 143 -32.15 -19.99 1.92
CA PHE A 143 -31.32 -21.13 1.55
C PHE A 143 -31.53 -21.54 0.10
N ASN A 144 -32.80 -21.63 -0.34
CA ASN A 144 -33.10 -21.92 -1.75
C ASN A 144 -32.45 -20.89 -2.67
N TYR A 145 -32.63 -19.60 -2.36
CA TYR A 145 -32.02 -18.55 -3.19
C TYR A 145 -30.50 -18.65 -3.23
N ILE A 146 -29.87 -18.94 -2.09
CA ILE A 146 -28.41 -19.02 -2.04
C ILE A 146 -27.92 -20.22 -2.81
N CYS A 147 -28.58 -21.38 -2.64
CA CYS A 147 -28.22 -22.56 -3.42
C CYS A 147 -28.30 -22.28 -4.93
N ASN A 148 -29.37 -21.60 -5.38
CA ASN A 148 -29.49 -21.27 -6.80
C ASN A 148 -28.36 -20.34 -7.24
N HIS A 149 -28.01 -19.37 -6.40
CA HIS A 149 -26.87 -18.49 -6.67
C HIS A 149 -25.58 -19.29 -6.84
N VAL A 150 -25.29 -20.17 -5.88
CA VAL A 150 -24.03 -20.91 -5.91
C VAL A 150 -23.94 -21.75 -7.18
N LYS A 151 -25.05 -22.40 -7.54
CA LYS A 151 -25.03 -23.27 -8.71
C LYS A 151 -24.88 -22.48 -10.00
N TYR A 152 -25.60 -21.35 -10.12
CA TYR A 152 -25.43 -20.50 -11.29
C TYR A 152 -24.00 -19.95 -11.37
N ALA A 153 -23.50 -19.41 -10.27
CA ALA A 153 -22.19 -18.76 -10.31
C ALA A 153 -21.07 -19.77 -10.58
N THR A 154 -21.22 -21.00 -10.07
CA THR A 154 -20.17 -21.99 -10.23
C THR A 154 -20.12 -22.51 -11.66
N ASN A 155 -21.30 -22.82 -12.25
CA ASN A 155 -21.39 -23.10 -13.68
C ASN A 155 -20.41 -24.19 -14.10
N LYS A 156 -20.22 -25.19 -13.24
CA LYS A 156 -19.32 -26.32 -13.50
C LYS A 156 -17.87 -25.88 -13.68
N GLY A 157 -17.47 -24.74 -13.09
CA GLY A 157 -16.10 -24.27 -13.16
C GLY A 157 -15.90 -23.07 -14.07
N ASN A 158 -16.85 -22.79 -14.95
CA ASN A 158 -16.81 -21.59 -15.80
C ASN A 158 -17.57 -20.50 -15.07
N LEU A 159 -16.93 -19.93 -14.05
CA LEU A 159 -17.64 -19.12 -13.06
C LEU A 159 -18.19 -17.82 -13.65
N ARG A 160 -19.35 -17.41 -13.13
CA ARG A 160 -20.06 -16.21 -13.57
C ARG A 160 -20.33 -15.36 -12.34
N SER A 161 -20.04 -14.07 -12.42
CA SER A 161 -20.24 -13.21 -11.25
C SER A 161 -21.73 -12.95 -11.04
N ALA A 162 -22.14 -12.90 -9.77
CA ALA A 162 -23.57 -12.84 -9.46
C ALA A 162 -23.74 -12.22 -8.08
N ILE A 163 -24.92 -11.66 -7.87
CA ILE A 163 -25.33 -11.15 -6.55
C ILE A 163 -26.78 -11.55 -6.34
N THR A 164 -27.13 -11.91 -5.10
CA THR A 164 -28.52 -12.16 -4.74
C THR A 164 -28.89 -11.15 -3.67
N ILE A 165 -29.99 -10.43 -3.88
CA ILE A 165 -30.36 -9.30 -3.03
C ILE A 165 -31.66 -9.64 -2.29
N PHE A 166 -31.56 -9.75 -0.96
CA PHE A 166 -32.67 -10.04 -0.07
C PHE A 166 -33.37 -8.76 0.32
N PRO A 167 -34.52 -8.82 1.01
CA PRO A 167 -35.28 -7.59 1.29
C PRO A 167 -34.49 -6.57 2.11
N GLN A 168 -34.75 -5.29 1.82
CA GLN A 168 -34.09 -4.19 2.48
C GLN A 168 -34.51 -4.05 3.93
N ARG A 169 -33.69 -3.34 4.69
CA ARG A 169 -34.00 -3.01 6.07
C ARG A 169 -35.24 -2.12 6.14
N THR A 170 -36.05 -2.34 7.18
CA THR A 170 -37.25 -1.55 7.37
C THR A 170 -37.07 -0.77 8.66
N ASP A 171 -37.41 -1.34 9.83
CA ASP A 171 -37.25 -0.64 11.09
C ASP A 171 -35.98 -1.03 11.83
N GLY A 172 -35.18 -1.94 11.27
CA GLY A 172 -33.96 -2.39 11.93
C GLY A 172 -34.16 -3.57 12.87
N LYS A 173 -35.39 -3.93 13.19
CA LYS A 173 -35.66 -5.11 13.99
C LYS A 173 -36.04 -6.31 13.13
N HIS A 174 -36.00 -6.17 11.80
CA HIS A 174 -36.46 -7.21 10.89
C HIS A 174 -35.44 -7.49 9.80
N ASP A 175 -34.16 -7.34 10.13
CA ASP A 175 -33.12 -7.47 9.12
C ASP A 175 -33.03 -8.90 8.60
N PHE A 176 -32.75 -9.03 7.30
CA PHE A 176 -32.22 -10.25 6.73
C PHE A 176 -30.71 -10.19 6.82
N ARG A 177 -30.09 -11.26 7.34
CA ARG A 177 -28.64 -11.36 7.42
C ARG A 177 -28.19 -12.77 7.07
N VAL A 178 -27.14 -12.88 6.27
CA VAL A 178 -26.33 -14.10 6.22
C VAL A 178 -25.26 -13.96 7.30
N TRP A 179 -25.26 -14.87 8.27
CA TRP A 179 -24.30 -14.75 9.36
C TRP A 179 -22.90 -15.13 8.92
N ASN A 180 -22.78 -16.05 7.96
CA ASN A 180 -21.48 -16.33 7.36
C ASN A 180 -20.88 -15.08 6.74
N SER A 181 -19.56 -14.89 6.92
CA SER A 181 -18.93 -13.78 6.23
C SER A 181 -18.72 -14.10 4.76
N GLN A 182 -18.51 -15.36 4.42
CA GLN A 182 -18.52 -15.82 3.04
C GLN A 182 -19.40 -17.06 2.95
N LEU A 183 -20.04 -17.27 1.78
CA LEU A 183 -20.96 -18.41 1.65
C LEU A 183 -20.24 -19.74 1.81
N ILE A 184 -19.06 -19.88 1.24
CA ILE A 184 -18.26 -21.09 1.35
C ILE A 184 -16.98 -20.76 2.13
N ARG A 185 -16.83 -21.35 3.33
CA ARG A 185 -15.60 -21.29 4.13
C ARG A 185 -15.38 -22.63 4.82
N TYR A 186 -14.15 -22.84 5.25
CA TYR A 186 -13.79 -24.04 6.00
C TYR A 186 -13.80 -23.75 7.50
N ALA A 187 -14.23 -24.74 8.28
CA ALA A 187 -14.31 -24.61 9.74
C ALA A 187 -12.91 -24.53 10.37
N GLY A 188 -12.86 -23.91 11.54
CA GLY A 188 -11.68 -23.97 12.39
C GLY A 188 -12.05 -24.40 13.79
N TYR A 189 -11.22 -25.29 14.36
CA TYR A 189 -11.46 -25.87 15.67
C TYR A 189 -10.26 -25.63 16.58
N LYS A 190 -10.49 -24.91 17.68
CA LYS A 190 -9.47 -24.73 18.71
C LYS A 190 -9.36 -25.99 19.56
N GLN A 191 -8.15 -26.49 19.72
CA GLN A 191 -7.92 -27.68 20.51
C GLN A 191 -7.58 -27.30 21.96
N PRO A 192 -7.80 -28.22 22.90
CA PRO A 192 -7.41 -27.96 24.29
C PRO A 192 -5.96 -27.53 24.45
N ASP A 193 -5.05 -28.06 23.64
CA ASP A 193 -3.64 -27.73 23.77
C ASP A 193 -3.27 -26.40 23.11
N GLY A 194 -4.23 -25.69 22.54
CA GLY A 194 -4.00 -24.40 21.94
C GLY A 194 -3.80 -24.41 20.44
N SER A 195 -3.52 -25.57 19.84
CA SER A 195 -3.43 -25.64 18.39
C SER A 195 -4.81 -25.51 17.76
N THR A 196 -4.84 -25.32 16.45
CA THR A 196 -6.09 -25.17 15.71
C THR A 196 -6.11 -26.16 14.56
N LEU A 197 -7.24 -26.85 14.39
CA LEU A 197 -7.48 -27.68 13.23
C LEU A 197 -8.33 -26.91 12.24
N GLY A 198 -7.98 -26.99 10.95
CA GLY A 198 -8.69 -26.23 9.93
C GLY A 198 -8.24 -24.78 9.87
N ASP A 199 -9.18 -23.91 9.51
CA ASP A 199 -8.87 -22.51 9.21
C ASP A 199 -8.98 -21.66 10.48
N PRO A 200 -7.86 -21.23 11.08
CA PRO A 200 -7.96 -20.52 12.38
C PRO A 200 -8.74 -19.22 12.30
N ALA A 201 -8.86 -18.64 11.12
CA ALA A 201 -9.67 -17.43 10.95
C ALA A 201 -11.16 -17.66 11.26
N ASN A 202 -11.64 -18.90 11.22
CA ASN A 202 -13.08 -19.14 11.33
C ASN A 202 -13.47 -19.80 12.65
N VAL A 203 -12.61 -19.76 13.66
CA VAL A 203 -12.88 -20.46 14.91
C VAL A 203 -14.12 -19.89 15.60
N GLN A 204 -14.21 -18.55 15.68
CA GLN A 204 -15.35 -17.93 16.35
C GLN A 204 -16.66 -18.35 15.71
N PHE A 205 -16.75 -18.24 14.38
CA PHE A 205 -18.00 -18.57 13.70
C PHE A 205 -18.28 -20.06 13.78
N THR A 206 -17.25 -20.88 13.71
CA THR A 206 -17.42 -22.33 13.87
C THR A 206 -18.06 -22.66 15.21
N GLU A 207 -17.59 -22.02 16.28
CA GLU A 207 -18.16 -22.30 17.61
C GLU A 207 -19.63 -21.89 17.69
N ILE A 208 -20.00 -20.81 17.00
CA ILE A 208 -21.41 -20.41 16.97
C ILE A 208 -22.25 -21.50 16.30
N CYS A 209 -21.81 -21.94 15.11
CA CYS A 209 -22.50 -23.02 14.41
C CYS A 209 -22.66 -24.24 15.29
N ILE A 210 -21.61 -24.60 16.03
CA ILE A 210 -21.67 -25.77 16.91
C ILE A 210 -22.70 -25.54 18.02
N GLN A 211 -22.73 -24.32 18.58
CA GLN A 211 -23.74 -24.02 19.58
C GLN A 211 -25.15 -24.06 19.00
N GLN A 212 -25.31 -23.76 17.72
CA GLN A 212 -26.63 -23.76 17.11
C GLN A 212 -27.09 -25.14 16.71
N GLY A 213 -26.23 -26.16 16.83
CA GLY A 213 -26.68 -27.51 16.54
C GLY A 213 -25.82 -28.26 15.54
N TRP A 214 -24.86 -27.58 14.94
CA TRP A 214 -24.04 -28.23 13.92
C TRP A 214 -23.22 -29.36 14.52
N LYS A 215 -23.25 -30.53 13.87
CA LYS A 215 -22.39 -31.64 14.25
C LYS A 215 -21.11 -31.53 13.46
N PRO A 216 -19.99 -31.12 14.06
CA PRO A 216 -18.78 -30.87 13.28
C PRO A 216 -18.02 -32.15 13.01
N PRO A 217 -17.62 -32.40 11.75
CA PRO A 217 -16.75 -33.54 11.47
C PRO A 217 -15.32 -33.37 11.96
N ARG A 218 -14.91 -32.16 12.35
CA ARG A 218 -13.60 -31.92 12.92
C ARG A 218 -12.49 -32.38 11.98
N GLY A 219 -12.54 -31.88 10.74
CA GLY A 219 -11.50 -32.08 9.77
C GLY A 219 -10.84 -30.76 9.37
N ARG A 220 -9.83 -30.88 8.50
CA ARG A 220 -9.02 -29.73 8.11
C ARG A 220 -9.75 -28.84 7.11
N PHE A 221 -10.70 -29.39 6.36
CA PHE A 221 -11.39 -28.67 5.29
C PHE A 221 -12.88 -29.03 5.29
N ASP A 222 -13.59 -28.65 6.36
CA ASP A 222 -15.02 -28.91 6.47
C ASP A 222 -15.79 -27.65 6.08
N VAL A 223 -16.58 -27.75 5.01
CA VAL A 223 -17.40 -26.60 4.63
C VAL A 223 -18.39 -26.30 5.74
N LEU A 224 -18.41 -25.05 6.17
CA LEU A 224 -19.31 -24.63 7.24
C LEU A 224 -20.75 -24.60 6.75
N PRO A 225 -21.72 -24.76 7.64
CA PRO A 225 -23.12 -24.60 7.25
C PRO A 225 -23.46 -23.13 7.06
N LEU A 226 -24.53 -22.89 6.31
CA LEU A 226 -25.09 -21.56 6.23
C LEU A 226 -25.89 -21.28 7.49
N LEU A 227 -25.78 -20.06 7.98
CA LEU A 227 -26.48 -19.61 9.18
C LEU A 227 -27.28 -18.38 8.78
N LEU A 228 -28.58 -18.53 8.66
CA LEU A 228 -29.38 -17.61 7.86
C LEU A 228 -30.51 -17.02 8.69
N GLN A 229 -30.62 -15.69 8.62
CA GLN A 229 -31.56 -14.93 9.42
C GLN A 229 -32.52 -14.19 8.49
N ALA A 230 -33.80 -14.47 8.61
CA ALA A 230 -34.82 -13.83 7.81
C ALA A 230 -35.71 -12.98 8.71
N ASN A 231 -36.02 -11.77 8.26
CA ASN A 231 -37.04 -10.95 8.91
C ASN A 231 -36.77 -10.75 10.40
N GLY A 232 -35.48 -10.67 10.78
CA GLY A 232 -35.12 -10.44 12.17
C GLY A 232 -35.29 -11.62 13.11
N ASN A 233 -35.70 -12.79 12.62
CA ASN A 233 -35.81 -13.94 13.50
C ASN A 233 -34.43 -14.51 13.86
N ASP A 234 -34.41 -15.43 14.82
CA ASP A 234 -33.16 -16.13 15.11
C ASP A 234 -32.69 -16.88 13.87
N PRO A 235 -31.39 -16.98 13.65
CA PRO A 235 -30.89 -17.59 12.41
C PRO A 235 -31.02 -19.11 12.45
N GLU A 236 -31.01 -19.72 11.27
CA GLU A 236 -31.22 -21.15 11.13
C GLU A 236 -30.10 -21.77 10.30
N LEU A 237 -29.74 -23.00 10.66
CA LEU A 237 -28.67 -23.75 10.02
C LEU A 237 -29.14 -24.54 8.81
N PHE A 238 -28.34 -24.52 7.75
CA PHE A 238 -28.56 -25.34 6.56
C PHE A 238 -27.22 -25.80 6.04
N GLN A 239 -27.16 -27.06 5.61
CA GLN A 239 -25.96 -27.59 4.98
C GLN A 239 -26.06 -27.38 3.46
N ILE A 240 -25.06 -26.72 2.89
CA ILE A 240 -25.01 -26.61 1.43
C ILE A 240 -24.79 -27.99 0.83
N PRO A 241 -25.63 -28.44 -0.10
CA PRO A 241 -25.39 -29.75 -0.73
C PRO A 241 -23.98 -29.84 -1.29
N PRO A 242 -23.21 -30.86 -0.88
CA PRO A 242 -21.79 -30.90 -1.25
C PRO A 242 -21.55 -30.89 -2.75
N GLU A 243 -22.51 -31.36 -3.55
CA GLU A 243 -22.34 -31.36 -5.00
C GLU A 243 -22.35 -29.95 -5.56
N LEU A 244 -22.84 -28.97 -4.80
CA LEU A 244 -22.80 -27.59 -5.22
C LEU A 244 -21.50 -26.89 -4.83
N VAL A 245 -20.62 -27.51 -4.05
CA VAL A 245 -19.38 -26.88 -3.60
C VAL A 245 -18.24 -27.42 -4.47
N LEU A 246 -17.87 -26.69 -5.50
CA LEU A 246 -16.75 -27.11 -6.33
C LEU A 246 -15.43 -26.84 -5.59
N GLU A 247 -14.54 -27.83 -5.59
CA GLU A 247 -13.28 -27.79 -4.86
C GLU A 247 -12.14 -28.25 -5.77
N VAL A 248 -10.94 -27.75 -5.50
CA VAL A 248 -9.77 -28.01 -6.33
C VAL A 248 -8.64 -28.58 -5.47
N PRO A 249 -8.19 -29.82 -5.70
CA PRO A 249 -7.00 -30.31 -4.99
C PRO A 249 -5.75 -29.64 -5.53
N ILE A 250 -4.89 -29.19 -4.63
CA ILE A 250 -3.70 -28.42 -5.02
C ILE A 250 -2.56 -29.37 -5.29
N ARG A 251 -2.03 -29.32 -6.50
CA ARG A 251 -0.83 -30.05 -6.87
C ARG A 251 0.12 -29.11 -7.61
N HIS A 252 1.36 -29.56 -7.80
CA HIS A 252 2.39 -28.72 -8.38
C HIS A 252 2.89 -29.34 -9.69
N PRO A 253 3.08 -28.55 -10.74
CA PRO A 253 3.52 -29.13 -12.02
C PRO A 253 4.86 -29.86 -11.94
N LYS A 254 5.73 -29.51 -11.00
CA LYS A 254 7.05 -30.11 -10.88
C LYS A 254 7.22 -30.97 -9.64
N PHE A 255 6.77 -30.50 -8.49
CA PHE A 255 7.05 -31.19 -7.23
C PHE A 255 5.96 -32.23 -7.01
N GLU A 256 6.30 -33.50 -7.28
CA GLU A 256 5.32 -34.56 -7.13
C GLU A 256 4.89 -34.72 -5.67
N TRP A 257 5.70 -34.27 -4.72
CA TRP A 257 5.34 -34.40 -3.31
C TRP A 257 4.31 -33.38 -2.89
N PHE A 258 4.00 -32.39 -3.72
CA PHE A 258 3.12 -31.31 -3.30
C PHE A 258 1.71 -31.81 -3.05
N LYS A 259 1.23 -32.75 -3.86
CA LYS A 259 -0.11 -33.28 -3.62
C LYS A 259 -0.17 -34.03 -2.29
N ASP A 260 0.96 -34.55 -1.82
CA ASP A 260 0.99 -35.26 -0.55
C ASP A 260 0.71 -34.35 0.65
N LEU A 261 0.71 -33.03 0.47
CA LEU A 261 0.35 -32.11 1.55
C LEU A 261 -1.14 -32.11 1.85
N GLY A 262 -1.95 -32.74 1.00
CA GLY A 262 -3.39 -32.82 1.21
C GLY A 262 -4.12 -31.51 1.16
N LEU A 263 -3.66 -30.56 0.37
CA LEU A 263 -4.31 -29.25 0.30
C LEU A 263 -5.35 -29.23 -0.81
N LYS A 264 -6.40 -28.44 -0.57
CA LYS A 264 -7.42 -28.16 -1.56
C LYS A 264 -8.03 -26.81 -1.21
N TRP A 265 -8.78 -26.25 -2.15
CA TRP A 265 -9.56 -25.06 -1.86
C TRP A 265 -10.86 -25.11 -2.67
N TYR A 266 -11.82 -24.30 -2.25
CA TYR A 266 -13.07 -24.18 -2.96
C TYR A 266 -12.97 -23.16 -4.09
N GLY A 267 -13.78 -23.34 -5.13
CA GLY A 267 -13.66 -22.53 -6.33
C GLY A 267 -14.32 -21.17 -6.29
N LEU A 268 -15.33 -20.99 -5.44
CA LEU A 268 -16.21 -19.81 -5.54
C LEU A 268 -16.00 -18.84 -4.39
N PRO A 269 -15.39 -17.66 -4.62
CA PRO A 269 -15.30 -16.66 -3.55
C PRO A 269 -16.58 -15.82 -3.50
N ALA A 270 -17.25 -15.78 -2.36
CA ALA A 270 -18.60 -15.21 -2.27
C ALA A 270 -18.72 -14.48 -0.94
N VAL A 271 -18.69 -13.15 -0.99
CA VAL A 271 -18.79 -12.34 0.21
C VAL A 271 -20.25 -12.18 0.62
N SER A 272 -20.56 -12.46 1.89
CA SER A 272 -21.95 -12.44 2.32
C SER A 272 -22.20 -11.61 3.57
N ASN A 273 -21.25 -10.76 4.00
CA ASN A 273 -21.47 -9.98 5.21
C ASN A 273 -21.53 -8.48 4.95
N MET A 274 -21.60 -8.06 3.70
CA MET A 274 -21.58 -6.63 3.44
C MET A 274 -22.99 -6.09 3.21
N LEU A 275 -23.09 -4.77 3.28
CA LEU A 275 -24.36 -4.07 3.15
C LEU A 275 -24.36 -3.30 1.85
N LEU A 276 -25.39 -3.48 1.05
CA LEU A 276 -25.55 -2.77 -0.21
C LEU A 276 -26.44 -1.56 0.01
N GLU A 277 -25.92 -0.37 -0.22
CA GLU A 277 -26.67 0.87 -0.08
C GLU A 277 -27.03 1.37 -1.48
N ILE A 278 -28.33 1.49 -1.78
CA ILE A 278 -28.79 2.05 -3.04
C ILE A 278 -29.84 3.10 -2.73
N GLY A 279 -29.58 4.34 -3.11
CA GLY A 279 -30.55 5.41 -2.94
C GLY A 279 -31.02 5.59 -1.52
N GLY A 280 -30.13 5.35 -0.54
CA GLY A 280 -30.52 5.40 0.85
C GLY A 280 -31.21 4.16 1.39
N LEU A 281 -31.48 3.16 0.54
CA LEU A 281 -32.04 1.89 1.00
C LEU A 281 -30.88 0.96 1.38
N GLU A 282 -31.11 0.13 2.39
CA GLU A 282 -30.05 -0.68 3.00
C GLU A 282 -30.36 -2.16 2.83
N PHE A 283 -29.59 -2.83 1.98
CA PHE A 283 -29.78 -4.27 1.74
C PHE A 283 -28.73 -5.00 2.57
N SER A 284 -29.13 -5.39 3.78
CA SER A 284 -28.21 -6.00 4.74
C SER A 284 -27.85 -7.46 4.40
N ALA A 285 -28.54 -8.09 3.45
CA ALA A 285 -28.16 -9.42 2.98
C ALA A 285 -28.12 -9.37 1.46
N CYS A 286 -26.91 -9.40 0.91
CA CYS A 286 -26.66 -9.26 -0.51
C CYS A 286 -25.45 -10.05 -0.95
N PRO A 287 -25.41 -11.37 -0.74
CA PRO A 287 -24.20 -12.13 -1.08
C PRO A 287 -23.84 -11.96 -2.55
N PHE A 288 -22.54 -11.71 -2.81
CA PHE A 288 -22.06 -11.56 -4.17
C PHE A 288 -20.82 -12.40 -4.37
N SER A 289 -20.59 -12.81 -5.61
CA SER A 289 -19.51 -13.75 -5.86
C SER A 289 -18.88 -13.45 -7.22
N GLY A 290 -17.58 -13.74 -7.33
CA GLY A 290 -16.87 -13.62 -8.58
C GLY A 290 -16.04 -14.85 -8.86
N TRP A 291 -14.77 -14.66 -9.23
CA TRP A 291 -13.79 -15.73 -9.25
C TRP A 291 -12.49 -15.23 -8.59
N TYR A 292 -11.61 -16.17 -8.25
CA TYR A 292 -10.45 -15.87 -7.41
C TYR A 292 -9.30 -15.30 -8.22
N MET A 293 -8.58 -14.35 -7.63
CA MET A 293 -7.20 -14.10 -7.99
C MET A 293 -6.34 -15.05 -7.18
N GLY A 294 -5.36 -15.68 -7.83
CA GLY A 294 -4.59 -16.74 -7.19
C GLY A 294 -3.96 -16.37 -5.86
N THR A 295 -3.47 -15.13 -5.74
CA THR A 295 -2.79 -14.75 -4.51
C THR A 295 -3.71 -14.78 -3.29
N GLU A 296 -5.03 -14.65 -3.50
CA GLU A 296 -5.95 -14.71 -2.36
C GLU A 296 -5.82 -16.03 -1.64
N ILE A 297 -5.66 -17.12 -2.39
CA ILE A 297 -5.50 -18.46 -1.84
C ILE A 297 -4.04 -18.73 -1.52
N GLY A 298 -3.17 -18.54 -2.52
CA GLY A 298 -1.78 -18.96 -2.39
C GLY A 298 -0.99 -18.17 -1.36
N VAL A 299 -1.27 -16.88 -1.23
CA VAL A 299 -0.51 -16.02 -0.31
C VAL A 299 -1.22 -15.86 1.02
N ARG A 300 -2.50 -15.47 0.99
CA ARG A 300 -3.18 -15.12 2.23
C ARG A 300 -3.73 -16.35 2.94
N ASP A 301 -4.63 -17.11 2.27
CA ASP A 301 -5.24 -18.27 2.92
C ASP A 301 -4.20 -19.30 3.34
N TYR A 302 -3.19 -19.53 2.51
CA TYR A 302 -2.24 -20.59 2.81
C TYR A 302 -1.04 -20.15 3.60
N CYS A 303 -0.60 -18.89 3.46
CA CYS A 303 0.70 -18.48 4.00
C CYS A 303 0.65 -17.44 5.10
N ASP A 304 -0.49 -16.80 5.37
CA ASP A 304 -0.56 -15.98 6.58
C ASP A 304 -0.25 -16.85 7.79
N ASN A 305 0.46 -16.26 8.77
CA ASN A 305 0.77 -17.01 9.99
C ASN A 305 -0.49 -17.38 10.76
N SER A 306 -1.51 -16.54 10.70
CA SER A 306 -2.77 -16.79 11.40
C SER A 306 -3.77 -17.59 10.55
N ARG A 307 -3.35 -18.14 9.42
CA ARG A 307 -4.28 -18.94 8.62
C ARG A 307 -3.77 -20.37 8.52
N TYR A 308 -3.67 -20.92 7.31
CA TYR A 308 -3.17 -22.31 7.21
C TYR A 308 -1.67 -22.40 7.40
N ASN A 309 -0.92 -21.33 7.15
CA ASN A 309 0.48 -21.21 7.60
C ASN A 309 1.33 -22.41 7.19
N ILE A 310 1.52 -22.57 5.86
CA ILE A 310 2.18 -23.76 5.32
C ILE A 310 3.59 -23.50 4.82
N LEU A 311 4.07 -22.25 4.90
CA LEU A 311 5.41 -21.93 4.41
C LEU A 311 6.47 -22.86 4.99
N GLU A 312 6.41 -23.11 6.30
CA GLU A 312 7.42 -23.97 6.94
C GLU A 312 7.42 -25.37 6.31
N GLU A 313 6.24 -26.00 6.26
CA GLU A 313 6.17 -27.38 5.76
C GLU A 313 6.57 -27.47 4.30
N VAL A 314 6.20 -26.46 3.50
CA VAL A 314 6.60 -26.46 2.09
C VAL A 314 8.10 -26.25 1.96
N ALA A 315 8.66 -25.34 2.76
CA ALA A 315 10.10 -25.09 2.71
C ALA A 315 10.89 -26.34 3.07
N LYS A 316 10.39 -27.13 4.03
CA LYS A 316 11.06 -28.39 4.38
C LYS A 316 11.12 -29.33 3.19
N LYS A 317 9.97 -29.58 2.55
CA LYS A 317 9.93 -30.48 1.40
C LYS A 317 10.72 -29.96 0.22
N MET A 318 10.94 -28.64 0.15
CA MET A 318 11.84 -28.07 -0.85
C MET A 318 13.30 -28.15 -0.43
N ASN A 319 13.57 -28.57 0.81
CA ASN A 319 14.93 -28.65 1.37
C ASN A 319 15.68 -27.33 1.18
N LEU A 320 15.14 -26.31 1.83
CA LEU A 320 15.68 -24.97 1.79
C LEU A 320 16.41 -24.66 3.09
N ASP A 321 17.47 -23.86 2.99
CA ASP A 321 18.14 -23.37 4.19
C ASP A 321 17.17 -22.48 4.95
N MET A 322 16.77 -22.88 6.15
CA MET A 322 15.77 -22.13 6.91
C MET A 322 16.33 -21.52 8.19
N ARG A 323 17.66 -21.43 8.32
CA ARG A 323 18.19 -20.86 9.55
C ARG A 323 18.29 -19.34 9.50
N LYS A 324 18.69 -18.75 8.37
CA LYS A 324 18.71 -17.30 8.23
C LYS A 324 17.60 -16.86 7.28
N THR A 325 16.98 -15.72 7.60
CA THR A 325 15.94 -15.18 6.74
C THR A 325 16.48 -14.70 5.40
N SER A 326 17.76 -14.28 5.38
CA SER A 326 18.33 -13.73 4.15
C SER A 326 18.60 -14.79 3.09
N SER A 327 18.34 -16.07 3.35
CA SER A 327 18.23 -17.02 2.26
C SER A 327 16.94 -16.82 1.46
N LEU A 328 15.98 -16.06 1.99
CA LEU A 328 14.69 -15.82 1.34
C LEU A 328 13.95 -17.14 1.09
N TRP A 329 14.10 -18.09 2.02
CA TRP A 329 13.39 -19.35 1.88
C TRP A 329 11.88 -19.15 1.94
N LYS A 330 11.39 -18.17 2.70
CA LYS A 330 9.96 -17.90 2.69
C LYS A 330 9.51 -17.44 1.32
N ASP A 331 10.23 -16.48 0.73
CA ASP A 331 9.85 -15.96 -0.58
C ASP A 331 9.86 -17.06 -1.63
N GLN A 332 10.86 -17.94 -1.57
CA GLN A 332 10.99 -18.98 -2.57
C GLN A 332 9.84 -19.97 -2.49
N ALA A 333 9.43 -20.36 -1.28
CA ALA A 333 8.32 -21.29 -1.13
C ALA A 333 7.00 -20.64 -1.47
N LEU A 334 6.86 -19.34 -1.22
CA LEU A 334 5.63 -18.64 -1.54
C LEU A 334 5.34 -18.68 -3.04
N VAL A 335 6.38 -18.47 -3.86
CA VAL A 335 6.18 -18.52 -5.31
C VAL A 335 5.70 -19.91 -5.73
N GLU A 336 6.33 -20.95 -5.18
CA GLU A 336 5.99 -22.30 -5.61
C GLU A 336 4.57 -22.69 -5.19
N ILE A 337 4.13 -22.21 -4.02
CA ILE A 337 2.76 -22.45 -3.59
C ILE A 337 1.78 -21.77 -4.53
N ASN A 338 2.08 -20.55 -4.94
CA ASN A 338 1.16 -19.83 -5.81
C ASN A 338 1.19 -20.38 -7.23
N ILE A 339 2.31 -20.95 -7.66
CA ILE A 339 2.34 -21.64 -8.94
C ILE A 339 1.44 -22.85 -8.90
N ALA A 340 1.44 -23.57 -7.77
CA ALA A 340 0.62 -24.77 -7.65
C ALA A 340 -0.86 -24.44 -7.66
N VAL A 341 -1.24 -23.33 -7.02
CA VAL A 341 -2.64 -22.93 -6.97
C VAL A 341 -3.15 -22.59 -8.36
N LEU A 342 -2.38 -21.79 -9.10
CA LEU A 342 -2.80 -21.46 -10.46
C LEU A 342 -2.83 -22.70 -11.35
N TYR A 343 -1.87 -23.61 -11.16
CA TYR A 343 -1.81 -24.80 -11.99
C TYR A 343 -2.96 -25.75 -11.70
N SER A 344 -3.33 -25.88 -10.43
CA SER A 344 -4.39 -26.82 -10.08
C SER A 344 -5.75 -26.34 -10.57
N PHE A 345 -5.99 -25.03 -10.48
CA PHE A 345 -7.25 -24.46 -10.94
C PHE A 345 -7.38 -24.54 -12.45
N GLN A 346 -6.31 -24.18 -13.17
CA GLN A 346 -6.34 -24.25 -14.62
C GLN A 346 -6.52 -25.69 -15.10
N SER A 347 -5.80 -26.63 -14.47
CA SER A 347 -5.90 -28.02 -14.86
C SER A 347 -7.33 -28.56 -14.70
N ASP A 348 -8.04 -28.11 -13.68
CA ASP A 348 -9.41 -28.57 -13.46
C ASP A 348 -10.44 -27.69 -14.16
N LYS A 349 -9.99 -26.73 -14.97
CA LYS A 349 -10.86 -25.84 -15.75
C LYS A 349 -11.81 -25.06 -14.85
N VAL A 350 -11.30 -24.58 -13.72
CA VAL A 350 -12.00 -23.68 -12.82
C VAL A 350 -11.41 -22.29 -13.00
N THR A 351 -12.27 -21.30 -13.25
CA THR A 351 -11.80 -19.94 -13.54
C THR A 351 -10.96 -19.41 -12.39
N ILE A 352 -9.80 -18.85 -12.74
CA ILE A 352 -8.91 -18.19 -11.79
C ILE A 352 -8.09 -17.20 -12.60
N VAL A 353 -7.60 -16.15 -11.94
CA VAL A 353 -6.78 -15.16 -12.63
C VAL A 353 -5.51 -14.92 -11.82
N ASP A 354 -4.36 -14.92 -12.51
CA ASP A 354 -3.13 -14.62 -11.82
C ASP A 354 -3.03 -13.11 -11.56
N HIS A 355 -2.16 -12.75 -10.62
CA HIS A 355 -2.07 -11.36 -10.20
C HIS A 355 -1.43 -10.47 -11.26
N HIS A 356 -0.66 -11.05 -12.19
CA HIS A 356 -0.15 -10.25 -13.30
C HIS A 356 -1.27 -9.86 -14.26
N SER A 357 -2.09 -10.82 -14.70
CA SER A 357 -3.15 -10.51 -15.64
CA SER A 357 -3.16 -10.51 -15.63
C SER A 357 -4.19 -9.58 -15.01
N ALA A 358 -4.52 -9.80 -13.73
CA ALA A 358 -5.60 -9.05 -13.10
C ALA A 358 -5.23 -7.59 -12.92
N THR A 359 -3.99 -7.32 -12.52
CA THR A 359 -3.57 -5.94 -12.30
C THR A 359 -3.38 -5.22 -13.64
N GLU A 360 -2.90 -5.93 -14.65
CA GLU A 360 -2.87 -5.35 -15.99
C GLU A 360 -4.28 -4.99 -16.47
N SER A 361 -5.26 -5.89 -16.26
CA SER A 361 -6.62 -5.58 -16.67
C SER A 361 -7.16 -4.39 -15.90
N PHE A 362 -6.82 -4.29 -14.62
CA PHE A 362 -7.34 -3.19 -13.82
C PHE A 362 -6.80 -1.84 -14.29
N ILE A 363 -5.52 -1.79 -14.69
CA ILE A 363 -4.96 -0.54 -15.22
C ILE A 363 -5.75 -0.10 -16.45
N LYS A 364 -5.98 -1.03 -17.38
CA LYS A 364 -6.81 -0.75 -18.55
C LYS A 364 -8.22 -0.30 -18.17
N HIS A 365 -8.83 -0.99 -17.20
CA HIS A 365 -10.14 -0.56 -16.70
C HIS A 365 -10.07 0.85 -16.14
N MET A 366 -9.07 1.12 -15.28
CA MET A 366 -8.93 2.43 -14.68
C MET A 366 -8.77 3.51 -15.73
N GLU A 367 -7.93 3.28 -16.73
CA GLU A 367 -7.76 4.25 -17.80
C GLU A 367 -9.08 4.50 -18.54
N ASN A 368 -9.82 3.43 -18.83
CA ASN A 368 -11.10 3.60 -19.53
C ASN A 368 -12.09 4.42 -18.70
N GLU A 369 -12.21 4.10 -17.39
CA GLU A 369 -13.06 4.87 -16.49
C GLU A 369 -12.66 6.34 -16.41
N TYR A 370 -11.35 6.62 -16.39
CA TYR A 370 -10.94 8.02 -16.36
C TYR A 370 -11.42 8.74 -17.61
N ARG A 371 -11.32 8.07 -18.76
CA ARG A 371 -11.70 8.67 -20.04
C ARG A 371 -13.21 8.83 -20.16
N CYS A 372 -13.98 7.81 -19.79
CA CYS A 372 -15.42 7.84 -20.01
CA CYS A 372 -15.42 7.85 -20.02
C CYS A 372 -16.20 8.38 -18.82
N ARG A 373 -15.73 8.16 -17.59
CA ARG A 373 -16.50 8.51 -16.41
C ARG A 373 -15.92 9.68 -15.63
N GLY A 374 -14.67 10.06 -15.90
CA GLY A 374 -14.00 11.13 -15.19
C GLY A 374 -13.24 10.69 -13.97
N GLY A 375 -13.09 9.40 -13.74
CA GLY A 375 -12.29 8.91 -12.63
C GLY A 375 -12.59 7.46 -12.31
N CYS A 376 -11.88 6.95 -11.31
CA CYS A 376 -12.00 5.57 -10.87
C CYS A 376 -11.43 5.47 -9.45
N PRO A 377 -12.27 5.49 -8.42
CA PRO A 377 -11.75 5.43 -7.06
C PRO A 377 -11.03 4.10 -6.84
N ALA A 378 -9.85 4.16 -6.23
CA ALA A 378 -9.09 2.93 -6.03
C ALA A 378 -8.25 3.05 -4.76
N ASP A 379 -8.21 1.95 -4.00
CA ASP A 379 -7.52 1.85 -2.72
C ASP A 379 -6.23 1.08 -2.96
N TRP A 380 -5.13 1.82 -3.19
CA TRP A 380 -3.83 1.22 -3.53
C TRP A 380 -3.48 0.10 -2.56
N VAL A 381 -3.70 0.33 -1.26
CA VAL A 381 -3.33 -0.64 -0.24
C VAL A 381 -3.99 -1.99 -0.49
N TRP A 382 -5.20 -2.01 -1.05
CA TRP A 382 -5.89 -3.26 -1.34
C TRP A 382 -5.68 -3.74 -2.77
N ILE A 383 -5.49 -2.81 -3.71
CA ILE A 383 -5.35 -3.18 -5.12
C ILE A 383 -4.02 -3.87 -5.39
N VAL A 384 -2.94 -3.40 -4.76
CA VAL A 384 -1.63 -4.02 -5.00
C VAL A 384 -1.61 -5.42 -4.40
N PRO A 385 -1.21 -6.44 -5.15
CA PRO A 385 -1.28 -7.82 -4.65
C PRO A 385 -0.34 -8.04 -3.48
N PRO A 386 -0.58 -9.09 -2.67
CA PRO A 386 0.24 -9.30 -1.47
C PRO A 386 1.58 -9.99 -1.71
N MET A 387 1.94 -10.29 -2.97
CA MET A 387 3.29 -10.70 -3.31
C MET A 387 3.71 -9.98 -4.58
N SER A 388 5.03 -9.83 -4.78
CA SER A 388 5.60 -9.35 -6.04
C SER A 388 5.02 -8.00 -6.44
N GLY A 389 4.74 -7.17 -5.44
CA GLY A 389 4.05 -5.92 -5.66
C GLY A 389 4.56 -5.08 -6.82
N SER A 390 5.85 -4.69 -6.80
CA SER A 390 6.31 -3.74 -7.80
C SER A 390 6.52 -4.36 -9.17
N ILE A 391 6.34 -5.66 -9.35
CA ILE A 391 6.46 -6.15 -10.72
C ILE A 391 5.08 -6.29 -11.31
N THR A 392 4.08 -5.69 -10.65
CA THR A 392 2.76 -5.52 -11.25
C THR A 392 2.56 -4.05 -11.57
N PRO A 393 1.75 -3.72 -12.58
CA PRO A 393 1.68 -2.31 -13.00
C PRO A 393 1.00 -1.42 -12.00
N VAL A 394 0.13 -1.96 -11.14
CA VAL A 394 -0.61 -1.11 -10.21
C VAL A 394 0.29 -0.52 -9.13
N PHE A 395 1.41 -1.18 -8.80
CA PHE A 395 2.34 -0.64 -7.81
C PHE A 395 2.75 0.78 -8.17
N HIS A 396 2.93 1.03 -9.46
CA HIS A 396 3.47 2.30 -9.95
C HIS A 396 2.39 3.33 -10.25
N GLN A 397 1.13 2.97 -10.07
CA GLN A 397 -0.01 3.82 -10.41
C GLN A 397 -0.46 4.61 -9.20
N GLU A 398 -0.39 5.94 -9.28
CA GLU A 398 -1.06 6.76 -8.28
C GLU A 398 -2.56 6.54 -8.39
N MET A 399 -3.24 6.52 -7.25
CA MET A 399 -4.68 6.26 -7.20
C MET A 399 -5.30 7.23 -6.22
N LEU A 400 -6.48 7.73 -6.56
CA LEU A 400 -7.29 8.52 -5.65
C LEU A 400 -8.36 7.62 -5.05
N ASN A 401 -8.55 7.72 -3.73
CA ASN A 401 -9.57 6.92 -3.06
C ASN A 401 -10.66 7.83 -2.55
N TYR A 402 -11.91 7.49 -2.88
CA TYR A 402 -13.07 8.23 -2.41
C TYR A 402 -14.29 7.31 -2.52
N ARG A 403 -15.34 7.66 -1.78
CA ARG A 403 -16.50 6.78 -1.60
C ARG A 403 -17.68 7.33 -2.39
N LEU A 404 -18.05 6.63 -3.46
CA LEU A 404 -19.25 6.95 -4.20
C LEU A 404 -20.38 6.02 -3.79
N THR A 405 -21.61 6.49 -4.00
CA THR A 405 -22.79 5.65 -3.83
CA THR A 405 -22.78 5.62 -3.83
C THR A 405 -23.45 5.41 -5.18
N PRO A 406 -24.12 4.26 -5.39
CA PRO A 406 -24.35 3.04 -4.59
C PRO A 406 -23.06 2.40 -4.09
N SER A 407 -23.03 1.76 -2.93
CA SER A 407 -21.78 1.18 -2.46
C SER A 407 -22.05 -0.06 -1.61
N PHE A 408 -21.01 -0.91 -1.52
CA PHE A 408 -20.95 -1.96 -0.51
C PHE A 408 -20.22 -1.42 0.72
N GLU A 409 -20.83 -1.60 1.90
CA GLU A 409 -20.28 -1.10 3.15
C GLU A 409 -20.11 -2.24 4.13
N TYR A 410 -19.29 -2.02 5.13
CA TYR A 410 -19.23 -2.96 6.24
C TYR A 410 -20.39 -2.72 7.19
N GLN A 411 -20.70 -3.74 7.98
CA GLN A 411 -21.77 -3.65 8.96
C GLN A 411 -21.36 -4.51 10.14
N PRO A 412 -21.93 -4.25 11.32
CA PRO A 412 -21.53 -5.04 12.50
C PRO A 412 -21.82 -6.51 12.29
N ASP A 413 -21.06 -7.34 12.99
CA ASP A 413 -21.32 -8.78 12.98
C ASP A 413 -22.66 -9.07 13.61
N PRO A 414 -23.48 -9.92 13.01
CA PRO A 414 -24.86 -10.09 13.51
C PRO A 414 -24.93 -10.67 14.91
N TRP A 415 -24.03 -11.58 15.28
CA TRP A 415 -24.09 -12.11 16.65
C TRP A 415 -23.80 -11.05 17.69
N ASN A 416 -23.21 -9.91 17.30
CA ASN A 416 -22.97 -8.85 18.28
C ASN A 416 -24.17 -7.94 18.47
N THR A 417 -25.13 -7.95 17.53
CA THR A 417 -26.26 -7.05 17.59
C THR A 417 -27.61 -7.75 17.68
N HIS A 418 -27.69 -9.05 17.40
CA HIS A 418 -28.98 -9.74 17.31
C HIS A 418 -29.65 -9.81 18.68
N VAL A 419 -30.96 -9.62 18.68
CA VAL A 419 -31.79 -9.80 19.87
C VAL A 419 -32.44 -11.16 19.78
N TRP A 420 -31.99 -12.10 20.61
CA TRP A 420 -32.47 -13.49 20.52
C TRP A 420 -33.91 -13.60 20.98
N LYS A 421 -34.74 -14.26 20.17
CA LYS A 421 -36.16 -14.43 20.47
C LYS A 421 -36.41 -15.30 21.70
N ARG B 3 -8.57 13.77 19.59
CA ARG B 3 -8.93 12.45 20.11
C ARG B 3 -7.82 11.42 19.89
N PHE B 4 -7.88 10.34 20.66
CA PHE B 4 -6.93 9.25 20.53
C PHE B 4 -7.31 8.38 19.35
N LEU B 5 -6.32 7.78 18.72
CA LEU B 5 -6.56 6.91 17.58
C LEU B 5 -5.87 5.57 17.81
N LYS B 6 -6.51 4.49 17.41
CA LYS B 6 -6.00 3.15 17.61
C LYS B 6 -5.50 2.60 16.29
N VAL B 7 -4.40 1.84 16.35
CA VAL B 7 -3.93 1.08 15.21
C VAL B 7 -3.81 -0.37 15.65
N LYS B 8 -4.31 -1.27 14.82
CA LYS B 8 -4.31 -2.69 15.12
C LYS B 8 -3.35 -3.38 14.17
N ASN B 9 -2.64 -4.39 14.69
CA ASN B 9 -1.96 -5.36 13.84
C ASN B 9 -2.90 -6.55 13.71
N TRP B 10 -3.25 -6.90 12.47
CA TRP B 10 -4.26 -7.92 12.24
C TRP B 10 -3.71 -9.34 12.31
N GLU B 11 -2.40 -9.49 12.38
CA GLU B 11 -1.82 -10.81 12.59
C GLU B 11 -1.66 -11.12 14.08
N THR B 12 -1.20 -10.15 14.86
CA THR B 12 -0.93 -10.33 16.29
C THR B 12 -2.06 -9.84 17.18
N GLU B 13 -3.01 -9.06 16.65
CA GLU B 13 -4.09 -8.40 17.37
C GLU B 13 -3.58 -7.34 18.35
N VAL B 14 -2.32 -6.94 18.25
CA VAL B 14 -1.84 -5.88 19.12
C VAL B 14 -2.46 -4.55 18.68
N VAL B 15 -3.00 -3.81 19.64
CA VAL B 15 -3.54 -2.48 19.42
C VAL B 15 -2.65 -1.47 20.11
N LEU B 16 -2.26 -0.42 19.40
CA LEU B 16 -1.50 0.70 19.93
C LEU B 16 -2.39 1.95 19.88
N THR B 17 -2.09 2.93 20.73
CA THR B 17 -2.92 4.14 20.82
C THR B 17 -2.09 5.35 20.46
N ASP B 18 -2.49 6.06 19.41
CA ASP B 18 -1.72 7.19 18.90
C ASP B 18 -2.26 8.48 19.49
N THR B 19 -1.43 9.15 20.30
CA THR B 19 -1.67 10.51 20.73
C THR B 19 -0.77 11.52 20.03
N LEU B 20 0.32 11.05 19.42
CA LEU B 20 1.34 11.96 18.90
C LEU B 20 0.82 12.79 17.72
N HIS B 21 -0.15 12.25 16.98
CA HIS B 21 -0.66 12.94 15.80
C HIS B 21 -1.28 14.29 16.15
N LEU B 22 -1.70 14.49 17.41
CA LEU B 22 -2.30 15.76 17.80
C LEU B 22 -1.32 16.92 17.72
N LYS B 23 -0.02 16.64 17.67
CA LYS B 23 1.00 17.68 17.62
C LYS B 23 1.40 18.07 16.21
N SER B 24 0.81 17.48 15.18
CA SER B 24 1.17 17.89 13.83
C SER B 24 0.37 19.12 13.43
N THR B 25 0.93 19.87 12.47
CA THR B 25 0.24 21.04 11.92
C THR B 25 0.36 21.16 10.40
N LEU B 26 1.33 20.50 9.77
CA LEU B 26 1.39 20.49 8.32
C LEU B 26 0.32 19.55 7.75
N GLU B 27 -0.06 19.77 6.51
CA GLU B 27 -1.12 19.01 5.88
C GLU B 27 -0.59 17.74 5.23
N THR B 28 -1.47 16.74 5.10
CA THR B 28 -1.11 15.52 4.38
C THR B 28 -1.49 15.55 2.91
N GLY B 29 -2.48 16.34 2.53
CA GLY B 29 -3.04 16.30 1.20
C GLY B 29 -4.40 15.63 1.13
N CYS B 30 -4.71 14.74 2.07
CA CYS B 30 -6.02 14.12 2.11
C CYS B 30 -7.04 15.13 2.62
N THR B 31 -8.31 14.85 2.36
CA THR B 31 -9.43 15.53 2.98
C THR B 31 -10.38 14.47 3.54
N GLU B 32 -11.48 14.92 4.15
CA GLU B 32 -12.45 13.98 4.67
C GLU B 32 -13.02 13.08 3.58
N TYR B 33 -12.95 13.52 2.32
CA TYR B 33 -13.63 12.84 1.23
C TYR B 33 -12.72 12.28 0.15
N ILE B 34 -11.45 12.67 0.11
CA ILE B 34 -10.50 12.14 -0.87
C ILE B 34 -9.21 11.78 -0.15
N CYS B 35 -8.77 10.54 -0.29
CA CYS B 35 -7.48 10.11 0.25
C CYS B 35 -6.44 10.11 -0.86
N MET B 36 -5.32 10.78 -0.60
CA MET B 36 -4.20 10.81 -1.54
C MET B 36 -3.02 10.00 -1.01
N GLY B 37 -3.31 8.93 -0.28
CA GLY B 37 -2.24 8.17 0.35
C GLY B 37 -1.24 7.53 -0.61
N SER B 38 -1.60 7.37 -1.88
CA SER B 38 -0.68 6.76 -2.83
C SER B 38 -0.09 7.79 -3.81
N ILE B 39 -0.39 9.06 -3.62
CA ILE B 39 0.23 10.11 -4.43
C ILE B 39 1.66 10.33 -3.94
N MET B 40 2.62 10.33 -4.85
CA MET B 40 4.01 10.38 -4.41
C MET B 40 4.42 11.77 -3.96
N HIS B 41 3.88 12.81 -4.60
CA HIS B 41 4.18 14.21 -4.26
C HIS B 41 2.87 14.98 -4.18
N PRO B 42 2.15 14.92 -3.06
CA PRO B 42 0.89 15.66 -2.97
C PRO B 42 1.14 17.15 -2.73
N SER B 43 0.41 17.99 -3.47
CA SER B 43 0.64 19.43 -3.40
C SER B 43 -0.61 20.15 -2.90
N VAL B 52 10.09 31.24 0.04
CA VAL B 52 11.08 31.86 0.91
C VAL B 52 10.40 32.59 2.06
N ALA B 53 10.86 32.30 3.28
CA ALA B 53 10.17 32.72 4.50
C ALA B 53 10.42 34.20 4.79
N THR B 54 9.76 34.69 5.84
CA THR B 54 9.92 36.06 6.31
C THR B 54 9.96 36.04 7.83
N LYS B 55 10.46 37.14 8.41
CA LYS B 55 10.55 37.25 9.87
C LYS B 55 9.21 36.95 10.54
N ASP B 56 8.12 37.24 9.83
CA ASP B 56 6.78 37.04 10.39
C ASP B 56 6.45 35.55 10.48
N GLN B 57 6.62 34.83 9.36
CA GLN B 57 6.43 33.38 9.38
C GLN B 57 7.48 32.68 10.23
N LEU B 58 8.69 33.24 10.32
CA LEU B 58 9.82 32.49 10.82
C LEU B 58 9.83 32.37 12.34
N PHE B 59 9.28 33.33 13.08
CA PHE B 59 9.46 33.28 14.53
C PHE B 59 8.65 32.17 15.20
N PRO B 60 7.34 31.98 14.91
CA PRO B 60 6.63 30.89 15.61
C PRO B 60 7.23 29.53 15.32
N LEU B 61 7.70 29.32 14.09
CA LEU B 61 8.38 28.06 13.75
C LEU B 61 9.62 27.85 14.60
N ALA B 62 10.47 28.89 14.68
CA ALA B 62 11.64 28.81 15.55
C ALA B 62 11.23 28.57 17.00
N LYS B 63 10.25 29.34 17.47
CA LYS B 63 9.79 29.19 18.85
C LYS B 63 9.33 27.76 19.12
N GLU B 64 8.54 27.18 18.20
CA GLU B 64 8.05 25.83 18.40
C GLU B 64 9.21 24.84 18.49
N PHE B 65 10.20 24.97 17.60
CA PHE B 65 11.31 24.02 17.59
C PHE B 65 12.15 24.15 18.87
N ILE B 66 12.50 25.38 19.26
CA ILE B 66 13.23 25.57 20.50
C ILE B 66 12.45 24.98 21.68
N ASP B 67 11.12 25.19 21.68
CA ASP B 67 10.27 24.65 22.74
C ASP B 67 10.38 23.13 22.82
N GLN B 68 10.31 22.44 21.68
CA GLN B 68 10.36 21.00 21.73
C GLN B 68 11.76 20.49 22.02
N TYR B 69 12.80 21.25 21.64
CA TYR B 69 14.16 20.85 21.98
C TYR B 69 14.40 20.90 23.48
N TYR B 70 14.03 22.02 24.12
CA TYR B 70 14.19 22.12 25.57
C TYR B 70 13.21 21.22 26.31
N SER B 71 12.10 20.84 25.69
CA SER B 71 11.28 19.80 26.29
C SER B 71 11.97 18.44 26.20
N SER B 72 12.72 18.19 25.13
CA SER B 72 13.35 16.88 24.97
C SER B 72 14.54 16.70 25.90
N ILE B 73 15.21 17.78 26.29
CA ILE B 73 16.35 17.67 27.20
C ILE B 73 15.91 17.94 28.64
N LYS B 74 14.59 17.91 28.88
CA LYS B 74 14.04 17.95 30.24
C LYS B 74 14.36 19.26 30.95
N ARG B 75 14.29 20.37 30.23
CA ARG B 75 14.61 21.67 30.80
C ARG B 75 13.65 22.74 30.28
N PHE B 76 12.39 22.36 30.09
CA PHE B 76 11.40 23.32 29.59
C PHE B 76 11.27 24.48 30.55
N GLY B 77 11.15 25.69 30.00
CA GLY B 77 11.01 26.89 30.80
C GLY B 77 12.21 27.23 31.66
N SER B 78 13.37 26.64 31.37
CA SER B 78 14.57 26.91 32.14
C SER B 78 15.15 28.28 31.79
N LYS B 79 16.16 28.71 32.55
CA LYS B 79 16.85 29.93 32.19
C LYS B 79 17.49 29.82 30.80
N ALA B 80 18.10 28.68 30.50
CA ALA B 80 18.65 28.48 29.17
C ALA B 80 17.56 28.56 28.11
N HIS B 81 16.40 27.97 28.39
CA HIS B 81 15.29 28.02 27.43
C HIS B 81 14.86 29.45 27.17
N MET B 82 14.62 30.21 28.25
CA MET B 82 14.14 31.59 28.08
C MET B 82 15.16 32.44 27.33
N GLU B 83 16.44 32.30 27.65
CA GLU B 83 17.47 33.08 26.96
C GLU B 83 17.52 32.75 25.48
N ARG B 84 17.43 31.45 25.14
CA ARG B 84 17.48 31.07 23.73
C ARG B 84 16.31 31.68 22.97
N LEU B 85 15.11 31.65 23.57
CA LEU B 85 13.94 32.24 22.92
C LEU B 85 14.18 33.72 22.63
N GLU B 86 14.68 34.46 23.62
CA GLU B 86 15.01 35.87 23.40
C GLU B 86 16.15 36.03 22.42
N GLU B 87 17.20 35.22 22.56
CA GLU B 87 18.31 35.22 21.61
C GLU B 87 17.80 35.10 20.18
N VAL B 88 16.98 34.07 19.91
CA VAL B 88 16.44 33.83 18.57
C VAL B 88 15.55 34.98 18.13
N ASN B 89 14.84 35.59 19.08
CA ASN B 89 13.94 36.69 18.77
C ASN B 89 14.67 37.83 18.07
N LYS B 90 15.67 38.41 18.73
CA LYS B 90 16.36 39.56 18.15
C LYS B 90 17.13 39.19 16.89
N GLU B 91 17.52 37.93 16.71
CA GLU B 91 18.29 37.57 15.52
C GLU B 91 17.40 37.54 14.29
N ILE B 92 16.23 36.88 14.39
CA ILE B 92 15.25 36.95 13.31
C ILE B 92 14.90 38.41 13.02
N ASP B 93 14.65 39.17 14.08
CA ASP B 93 14.30 40.58 13.98
C ASP B 93 15.35 41.36 13.18
N THR B 94 16.62 41.23 13.57
CA THR B 94 17.65 42.11 13.03
C THR B 94 18.30 41.57 11.76
N THR B 95 18.15 40.28 11.46
CA THR B 95 18.87 39.67 10.34
C THR B 95 17.98 38.89 9.38
N SER B 96 16.67 38.82 9.63
CA SER B 96 15.69 38.08 8.83
C SER B 96 15.89 36.57 8.88
N THR B 97 16.75 36.06 9.75
CA THR B 97 16.97 34.62 9.89
C THR B 97 17.61 34.38 11.25
N TYR B 98 18.05 33.15 11.50
CA TYR B 98 18.81 32.84 12.70
C TYR B 98 19.59 31.56 12.46
N GLN B 99 20.57 31.32 13.32
CA GLN B 99 21.49 30.20 13.21
C GLN B 99 21.25 29.22 14.36
N LEU B 100 21.20 27.94 14.03
CA LEU B 100 21.03 26.92 15.07
C LEU B 100 22.32 26.72 15.85
N LYS B 101 22.19 26.48 17.15
CA LYS B 101 23.33 25.96 17.89
C LYS B 101 23.67 24.56 17.39
N ASP B 102 24.89 24.12 17.69
CA ASP B 102 25.32 22.79 17.28
C ASP B 102 24.40 21.72 17.84
N THR B 103 24.10 21.80 19.14
CA THR B 103 23.23 20.81 19.76
C THR B 103 21.87 20.76 19.06
N GLU B 104 21.34 21.93 18.69
CA GLU B 104 20.04 21.97 18.03
C GLU B 104 20.11 21.40 16.62
N LEU B 105 21.21 21.63 15.92
CA LEU B 105 21.37 21.08 14.58
C LEU B 105 21.33 19.56 14.61
N ILE B 106 22.05 18.97 15.56
CA ILE B 106 22.13 17.52 15.69
C ILE B 106 20.76 16.95 16.06
N TYR B 107 20.11 17.56 17.06
CA TYR B 107 18.78 17.13 17.47
C TYR B 107 17.81 17.21 16.31
N GLY B 108 17.90 18.30 15.54
CA GLY B 108 16.95 18.50 14.45
C GLY B 108 17.13 17.50 13.33
N ALA B 109 18.38 17.14 13.04
CA ALA B 109 18.62 16.16 11.97
C ALA B 109 18.18 14.76 12.38
N LYS B 110 18.42 14.39 13.64
CA LYS B 110 17.97 13.08 14.10
C LYS B 110 16.45 12.99 14.11
N HIS B 111 15.77 14.08 14.48
CA HIS B 111 14.32 14.00 14.54
C HIS B 111 13.68 14.11 13.18
N ALA B 112 14.34 14.74 12.21
CA ALA B 112 13.84 14.68 10.83
C ALA B 112 13.89 13.25 10.30
N TRP B 113 14.95 12.50 10.63
CA TRP B 113 14.95 11.08 10.31
C TRP B 113 13.84 10.37 11.08
N ARG B 114 13.73 10.63 12.38
CA ARG B 114 12.75 9.97 13.23
C ARG B 114 11.32 10.20 12.74
N ASN B 115 11.07 11.35 12.12
CA ASN B 115 9.75 11.71 11.64
C ASN B 115 9.51 11.32 10.19
N ALA B 116 10.50 10.74 9.51
CA ALA B 116 10.34 10.39 8.09
C ALA B 116 9.35 9.22 7.98
N SER B 117 8.10 9.53 7.68
CA SER B 117 7.07 8.49 7.67
CA SER B 117 7.04 8.53 7.62
C SER B 117 7.35 7.40 6.63
N ARG B 118 8.14 7.68 5.59
CA ARG B 118 8.37 6.70 4.55
C ARG B 118 9.60 5.81 4.79
N CYS B 119 10.31 5.96 5.91
CA CYS B 119 11.56 5.25 6.11
C CYS B 119 11.34 4.06 7.04
N VAL B 120 11.62 2.85 6.54
CA VAL B 120 11.53 1.65 7.36
C VAL B 120 12.76 1.43 8.22
N GLY B 121 13.81 2.25 8.07
CA GLY B 121 15.02 2.01 8.83
C GLY B 121 15.14 2.82 10.11
N ARG B 122 14.04 3.36 10.62
CA ARG B 122 14.10 4.38 11.66
C ARG B 122 14.47 3.86 13.04
N ILE B 123 14.56 2.54 13.23
CA ILE B 123 14.99 2.05 14.53
C ILE B 123 16.39 2.56 14.87
N GLN B 124 17.15 2.97 13.86
CA GLN B 124 18.50 3.50 13.98
C GLN B 124 18.55 5.01 14.23
N TRP B 125 17.40 5.69 14.30
CA TRP B 125 17.34 7.13 14.10
C TRP B 125 18.28 7.92 15.02
N SER B 126 18.49 7.47 16.25
CA SER B 126 19.32 8.26 17.16
C SER B 126 20.80 7.98 17.01
N LYS B 127 21.17 6.98 16.20
CA LYS B 127 22.56 6.70 15.87
C LYS B 127 22.80 7.26 14.48
N LEU B 128 23.07 8.57 14.45
CA LEU B 128 23.29 9.32 13.22
C LEU B 128 24.45 10.27 13.42
N GLN B 129 25.48 10.17 12.57
CA GLN B 129 26.64 11.06 12.63
C GLN B 129 26.32 12.31 11.83
N VAL B 130 26.37 13.46 12.49
CA VAL B 130 25.99 14.73 11.85
C VAL B 130 27.25 15.54 11.55
N PHE B 131 27.47 15.83 10.27
CA PHE B 131 28.59 16.66 9.82
C PHE B 131 28.08 18.07 9.53
N ASP B 132 28.50 19.03 10.36
CA ASP B 132 28.15 20.44 10.19
C ASP B 132 29.04 21.06 9.12
N ALA B 133 28.46 21.38 7.97
CA ALA B 133 29.17 22.02 6.87
C ALA B 133 28.62 23.41 6.58
N ARG B 134 28.11 24.08 7.61
CA ARG B 134 27.52 25.39 7.38
C ARG B 134 28.58 26.49 7.16
N ASP B 135 29.86 26.18 7.27
CA ASP B 135 30.88 27.18 6.93
C ASP B 135 31.34 27.06 5.49
N CYS B 136 30.72 26.18 4.71
CA CYS B 136 31.07 26.00 3.32
C CYS B 136 30.66 27.21 2.48
N THR B 137 31.51 27.58 1.51
CA THR B 137 31.24 28.71 0.63
C THR B 137 31.37 28.42 -0.86
N THR B 138 32.01 27.32 -1.26
CA THR B 138 32.30 27.07 -2.66
C THR B 138 32.01 25.61 -2.99
N ALA B 139 31.94 25.32 -4.29
CA ALA B 139 31.69 23.94 -4.71
C ALA B 139 32.87 23.03 -4.41
N HIS B 140 34.10 23.57 -4.42
CA HIS B 140 35.24 22.76 -4.00
C HIS B 140 35.13 22.38 -2.53
N GLY B 141 34.68 23.31 -1.70
CA GLY B 141 34.43 22.99 -0.30
C GLY B 141 33.37 21.90 -0.14
N MET B 142 32.29 21.99 -0.94
CA MET B 142 31.24 20.98 -0.86
C MET B 142 31.77 19.60 -1.22
N PHE B 143 32.59 19.55 -2.28
CA PHE B 143 33.21 18.29 -2.70
C PHE B 143 34.07 17.71 -1.58
N ASN B 144 34.88 18.55 -0.92
CA ASN B 144 35.67 18.09 0.20
C ASN B 144 34.78 17.52 1.31
N TYR B 145 33.74 18.26 1.70
CA TYR B 145 32.81 17.75 2.70
C TYR B 145 32.15 16.44 2.25
N ILE B 146 31.81 16.33 0.97
CA ILE B 146 31.10 15.13 0.53
C ILE B 146 32.02 13.92 0.51
N CYS B 147 33.28 14.11 0.10
CA CYS B 147 34.23 13.00 0.12
C CYS B 147 34.43 12.46 1.53
N ASN B 148 34.57 13.36 2.52
CA ASN B 148 34.74 12.92 3.89
C ASN B 148 33.49 12.15 4.36
N HIS B 149 32.30 12.64 4.04
CA HIS B 149 31.08 11.91 4.34
C HIS B 149 31.12 10.50 3.77
N VAL B 150 31.35 10.39 2.46
CA VAL B 150 31.39 9.08 1.81
C VAL B 150 32.41 8.17 2.47
N LYS B 151 33.61 8.70 2.74
CA LYS B 151 34.63 7.87 3.36
C LYS B 151 34.21 7.42 4.75
N TYR B 152 33.66 8.34 5.54
CA TYR B 152 33.24 7.99 6.90
C TYR B 152 32.10 6.97 6.88
N ALA B 153 31.07 7.25 6.09
CA ALA B 153 29.89 6.39 6.07
C ALA B 153 30.19 5.02 5.46
N THR B 154 31.15 4.95 4.53
CA THR B 154 31.41 3.65 3.92
C THR B 154 32.19 2.74 4.87
N ASN B 155 33.24 3.28 5.51
CA ASN B 155 33.91 2.60 6.62
C ASN B 155 34.33 1.18 6.25
N LYS B 156 34.83 1.01 5.03
CA LYS B 156 35.35 -0.28 4.54
C LYS B 156 34.28 -1.38 4.49
N GLY B 157 33.01 -1.02 4.45
CA GLY B 157 31.93 -1.98 4.36
C GLY B 157 31.05 -2.03 5.60
N ASN B 158 31.57 -1.57 6.73
CA ASN B 158 30.80 -1.50 7.96
C ASN B 158 30.10 -0.14 8.01
N LEU B 159 29.02 -0.02 7.24
CA LEU B 159 28.45 1.29 6.97
C LEU B 159 27.88 1.95 8.23
N ARG B 160 27.93 3.28 8.24
CA ARG B 160 27.52 4.11 9.37
C ARG B 160 26.65 5.23 8.84
N SER B 161 25.49 5.44 9.47
CA SER B 161 24.59 6.49 9.03
C SER B 161 25.20 7.87 9.21
N ALA B 162 25.05 8.73 8.22
CA ALA B 162 25.64 10.06 8.30
C ALA B 162 24.79 11.04 7.50
N ILE B 163 24.87 12.31 7.90
CA ILE B 163 24.29 13.43 7.16
C ILE B 163 25.30 14.57 7.20
N THR B 164 25.44 15.29 6.08
CA THR B 164 26.28 16.47 5.97
C THR B 164 25.37 17.65 5.65
N ILE B 165 25.44 18.71 6.48
CA ILE B 165 24.48 19.81 6.38
C ILE B 165 25.21 21.08 5.93
N PHE B 166 24.86 21.56 4.73
CA PHE B 166 25.43 22.74 4.10
C PHE B 166 24.62 23.97 4.49
N PRO B 167 25.09 25.19 4.13
CA PRO B 167 24.42 26.39 4.64
C PRO B 167 22.96 26.47 4.25
N GLN B 168 22.17 27.10 5.12
CA GLN B 168 20.74 27.20 4.94
C GLN B 168 20.41 28.19 3.81
N ARG B 169 19.20 28.07 3.30
CA ARG B 169 18.67 29.03 2.35
C ARG B 169 18.55 30.41 2.99
N THR B 170 18.86 31.47 2.23
CA THR B 170 18.71 32.83 2.74
C THR B 170 17.69 33.59 1.91
N ASP B 171 18.01 33.97 0.68
CA ASP B 171 17.10 34.73 -0.18
C ASP B 171 16.56 33.91 -1.33
N GLY B 172 16.89 32.62 -1.43
CA GLY B 172 16.50 31.79 -2.54
C GLY B 172 17.37 31.93 -3.77
N LYS B 173 18.19 32.98 -3.86
CA LYS B 173 19.11 33.19 -4.97
C LYS B 173 20.50 32.64 -4.71
N HIS B 174 20.81 32.25 -3.47
CA HIS B 174 22.15 31.79 -3.15
C HIS B 174 22.08 30.41 -2.53
N ASP B 175 21.31 29.52 -3.15
CA ASP B 175 21.08 28.19 -2.62
C ASP B 175 22.28 27.28 -2.81
N PHE B 176 22.55 26.47 -1.79
CA PHE B 176 23.42 25.31 -1.93
C PHE B 176 22.59 24.13 -2.39
N ARG B 177 23.03 23.48 -3.47
CA ARG B 177 22.33 22.31 -3.99
C ARG B 177 23.35 21.28 -4.44
N VAL B 178 23.12 20.02 -4.04
CA VAL B 178 23.68 18.88 -4.76
C VAL B 178 22.72 18.56 -5.90
N TRP B 179 23.22 18.61 -7.14
CA TRP B 179 22.34 18.37 -8.27
C TRP B 179 22.07 16.88 -8.49
N ASN B 180 23.02 16.02 -8.16
CA ASN B 180 22.75 14.59 -8.17
C ASN B 180 21.62 14.27 -7.20
N SER B 181 20.75 13.34 -7.60
CA SER B 181 19.69 12.92 -6.70
C SER B 181 20.23 12.00 -5.61
N GLN B 182 21.24 11.20 -5.93
CA GLN B 182 22.01 10.47 -4.92
C GLN B 182 23.49 10.67 -5.18
N LEU B 183 24.31 10.55 -4.12
CA LEU B 183 25.73 10.83 -4.25
C LEU B 183 26.42 9.84 -5.20
N ILE B 184 25.97 8.58 -5.19
CA ILE B 184 26.56 7.54 -6.02
C ILE B 184 25.46 6.92 -6.87
N ARG B 185 25.59 7.05 -8.19
CA ARG B 185 24.61 6.49 -9.12
C ARG B 185 25.30 6.16 -10.43
N TYR B 186 24.71 5.25 -11.19
CA TYR B 186 25.28 4.88 -12.48
C TYR B 186 24.64 5.70 -13.59
N ALA B 187 25.45 6.02 -14.60
CA ALA B 187 25.00 6.84 -15.72
C ALA B 187 24.00 6.09 -16.60
N GLY B 188 23.27 6.86 -17.40
CA GLY B 188 22.34 6.30 -18.37
C GLY B 188 22.49 6.93 -19.73
N TYR B 189 22.59 6.11 -20.78
CA TYR B 189 22.92 6.58 -22.12
C TYR B 189 21.81 6.19 -23.08
N LYS B 190 21.30 7.15 -23.83
CA LYS B 190 20.30 6.91 -24.86
C LYS B 190 21.01 6.51 -26.15
N GLN B 191 20.73 5.30 -26.64
CA GLN B 191 21.50 4.73 -27.72
C GLN B 191 21.00 5.20 -29.08
N PRO B 192 21.87 5.16 -30.10
CA PRO B 192 21.41 5.46 -31.47
C PRO B 192 20.17 4.66 -31.86
N ASP B 193 20.17 3.37 -31.58
CA ASP B 193 19.03 2.51 -31.92
C ASP B 193 17.90 2.63 -30.91
N GLY B 194 17.81 3.79 -30.25
CA GLY B 194 16.64 4.10 -29.45
C GLY B 194 16.59 3.54 -28.04
N SER B 195 17.30 2.45 -27.79
CA SER B 195 17.31 1.82 -26.47
C SER B 195 18.18 2.61 -25.49
N THR B 196 18.56 2.00 -24.38
CA THR B 196 19.24 2.71 -23.30
C THR B 196 20.32 1.85 -22.67
N LEU B 197 21.53 2.40 -22.55
CA LEU B 197 22.64 1.75 -21.87
C LEU B 197 22.78 2.34 -20.47
N GLY B 198 23.00 1.46 -19.48
CA GLY B 198 23.16 1.91 -18.11
C GLY B 198 21.86 1.99 -17.34
N ASP B 199 21.71 3.03 -16.51
CA ASP B 199 20.51 3.23 -15.70
C ASP B 199 19.59 4.22 -16.39
N PRO B 200 18.41 3.79 -16.88
CA PRO B 200 17.57 4.71 -17.65
C PRO B 200 17.02 5.87 -16.83
N ALA B 201 16.88 5.72 -15.52
CA ALA B 201 16.35 6.79 -14.68
C ALA B 201 17.29 7.99 -14.60
N ASN B 202 18.54 7.84 -15.01
CA ASN B 202 19.51 8.92 -14.93
C ASN B 202 19.89 9.43 -16.31
N VAL B 203 19.15 9.04 -17.35
CA VAL B 203 19.50 9.46 -18.70
C VAL B 203 19.62 10.98 -18.76
N GLN B 204 18.62 11.69 -18.21
CA GLN B 204 18.64 13.15 -18.33
C GLN B 204 19.82 13.75 -17.58
N PHE B 205 20.02 13.35 -16.33
CA PHE B 205 21.13 13.89 -15.55
C PHE B 205 22.47 13.58 -16.20
N THR B 206 22.64 12.36 -16.69
CA THR B 206 23.85 12.00 -17.42
C THR B 206 24.08 12.92 -18.60
N GLU B 207 23.01 13.28 -19.32
CA GLU B 207 23.15 14.19 -20.45
C GLU B 207 23.65 15.56 -19.99
N ILE B 208 23.21 16.01 -18.82
CA ILE B 208 23.63 17.31 -18.29
C ILE B 208 25.10 17.28 -17.88
N CYS B 209 25.58 16.13 -17.40
CA CYS B 209 27.00 15.99 -17.08
C CYS B 209 27.85 15.95 -18.34
N ILE B 210 27.41 15.19 -19.36
CA ILE B 210 28.10 15.20 -20.64
C ILE B 210 28.14 16.60 -21.21
N GLN B 211 27.01 17.31 -21.14
CA GLN B 211 26.87 18.67 -21.64
C GLN B 211 27.72 19.66 -20.86
N GLN B 212 28.23 19.28 -19.68
CA GLN B 212 29.02 20.17 -18.84
C GLN B 212 30.51 19.88 -18.90
N GLY B 213 30.93 18.89 -19.67
CA GLY B 213 32.34 18.57 -19.79
C GLY B 213 32.70 17.16 -19.36
N TRP B 214 31.75 16.36 -18.89
CA TRP B 214 32.09 15.02 -18.43
C TRP B 214 32.34 14.10 -19.60
N LYS B 215 33.44 13.35 -19.52
CA LYS B 215 33.84 12.39 -20.55
C LYS B 215 33.31 11.02 -20.18
N PRO B 216 32.20 10.58 -20.78
CA PRO B 216 31.57 9.34 -20.35
C PRO B 216 32.29 8.14 -20.91
N PRO B 217 32.59 7.14 -20.08
CA PRO B 217 33.11 5.87 -20.61
C PRO B 217 32.08 5.05 -21.38
N ARG B 218 30.82 5.48 -21.38
CA ARG B 218 29.71 4.78 -22.01
C ARG B 218 29.75 3.29 -21.71
N GLY B 219 29.75 3.00 -20.41
CA GLY B 219 29.59 1.65 -19.92
C GLY B 219 28.24 1.45 -19.25
N ARG B 220 28.07 0.25 -18.68
CA ARG B 220 26.80 -0.10 -18.06
C ARG B 220 26.73 0.31 -16.59
N PHE B 221 27.88 0.49 -15.92
CA PHE B 221 27.95 0.88 -14.52
C PHE B 221 29.05 1.92 -14.36
N ASP B 222 28.82 3.10 -14.92
CA ASP B 222 29.72 4.24 -14.78
C ASP B 222 29.24 5.11 -13.63
N VAL B 223 30.06 5.23 -12.59
CA VAL B 223 29.72 6.15 -11.51
C VAL B 223 29.66 7.55 -12.08
N LEU B 224 28.55 8.24 -11.84
CA LEU B 224 28.41 9.61 -12.31
C LEU B 224 29.31 10.55 -11.50
N PRO B 225 29.78 11.64 -12.11
CA PRO B 225 30.48 12.67 -11.35
C PRO B 225 29.50 13.42 -10.48
N LEU B 226 30.04 14.11 -9.48
CA LEU B 226 29.24 15.02 -8.66
C LEU B 226 29.08 16.35 -9.39
N LEU B 227 27.92 16.98 -9.19
CA LEU B 227 27.59 18.28 -9.78
C LEU B 227 27.11 19.17 -8.65
N LEU B 228 27.93 20.14 -8.26
CA LEU B 228 27.78 20.83 -6.99
C LEU B 228 27.56 22.32 -7.22
N GLN B 229 26.49 22.85 -6.62
CA GLN B 229 26.16 24.27 -6.71
C GLN B 229 26.30 24.87 -5.31
N ALA B 230 27.19 25.85 -5.18
CA ALA B 230 27.39 26.55 -3.92
C ALA B 230 26.95 28.00 -4.10
N ASN B 231 26.15 28.48 -3.14
CA ASN B 231 25.79 29.90 -3.05
C ASN B 231 25.06 30.39 -4.31
N GLY B 232 24.33 29.51 -4.97
CA GLY B 232 23.58 29.89 -6.16
C GLY B 232 24.37 30.02 -7.44
N ASN B 233 25.68 29.75 -7.42
CA ASN B 233 26.46 29.81 -8.64
C ASN B 233 26.15 28.60 -9.53
N ASP B 234 26.65 28.65 -10.78
CA ASP B 234 26.56 27.50 -11.66
C ASP B 234 27.24 26.29 -11.01
N PRO B 235 26.74 25.08 -11.25
CA PRO B 235 27.36 23.90 -10.64
C PRO B 235 28.66 23.52 -11.33
N GLU B 236 29.51 22.79 -10.60
CA GLU B 236 30.81 22.36 -11.10
C GLU B 236 30.97 20.85 -10.94
N LEU B 237 31.64 20.22 -11.89
CA LEU B 237 31.79 18.76 -11.88
C LEU B 237 32.99 18.34 -11.04
N PHE B 238 32.83 17.21 -10.33
CA PHE B 238 33.93 16.57 -9.60
C PHE B 238 33.77 15.06 -9.65
N GLN B 239 34.87 14.36 -9.92
CA GLN B 239 34.91 12.90 -9.85
C GLN B 239 35.25 12.45 -8.43
N ILE B 240 34.40 11.60 -7.86
CA ILE B 240 34.68 11.01 -6.55
C ILE B 240 35.84 10.02 -6.70
N PRO B 241 36.88 10.08 -5.86
CA PRO B 241 38.01 9.17 -6.02
C PRO B 241 37.56 7.71 -5.93
N PRO B 242 37.97 6.87 -6.88
CA PRO B 242 37.38 5.53 -6.98
C PRO B 242 37.56 4.67 -5.74
N GLU B 243 38.68 4.83 -5.02
CA GLU B 243 38.88 4.04 -3.82
C GLU B 243 37.86 4.35 -2.74
N LEU B 244 37.12 5.46 -2.87
CA LEU B 244 36.06 5.80 -1.94
C LEU B 244 34.71 5.19 -2.34
N VAL B 245 34.58 4.66 -3.55
CA VAL B 245 33.31 4.14 -4.06
C VAL B 245 33.35 2.62 -3.91
N LEU B 246 32.72 2.10 -2.86
CA LEU B 246 32.68 0.66 -2.65
C LEU B 246 31.58 0.03 -3.50
N GLU B 247 31.92 -1.06 -4.20
CA GLU B 247 30.99 -1.73 -5.10
C GLU B 247 31.05 -3.24 -4.88
N VAL B 248 29.96 -3.91 -5.24
CA VAL B 248 29.78 -5.34 -4.96
C VAL B 248 29.43 -6.05 -6.25
N PRO B 249 30.29 -6.94 -6.74
CA PRO B 249 29.88 -7.84 -7.82
C PRO B 249 28.80 -8.79 -7.32
N ILE B 250 27.71 -8.89 -8.07
CA ILE B 250 26.57 -9.72 -7.68
C ILE B 250 26.77 -11.12 -8.24
N ARG B 251 26.82 -12.12 -7.36
CA ARG B 251 26.81 -13.52 -7.77
C ARG B 251 25.76 -14.26 -6.95
N HIS B 252 25.44 -15.47 -7.40
CA HIS B 252 24.41 -16.30 -6.77
C HIS B 252 25.04 -17.50 -6.07
N PRO B 253 24.57 -17.86 -4.89
CA PRO B 253 25.19 -18.99 -4.16
C PRO B 253 25.03 -20.34 -4.87
N LYS B 254 23.98 -20.55 -5.66
CA LYS B 254 23.75 -21.83 -6.32
C LYS B 254 23.95 -21.81 -7.82
N PHE B 255 23.65 -20.69 -8.48
CA PHE B 255 23.70 -20.57 -9.93
C PHE B 255 25.05 -19.95 -10.30
N GLU B 256 26.02 -20.79 -10.69
CA GLU B 256 27.34 -20.28 -11.02
C GLU B 256 27.33 -19.44 -12.30
N TRP B 257 26.27 -19.49 -13.09
CA TRP B 257 26.18 -18.63 -14.27
C TRP B 257 25.78 -17.21 -13.93
N PHE B 258 25.42 -16.93 -12.67
CA PHE B 258 24.88 -15.62 -12.35
C PHE B 258 25.94 -14.54 -12.42
N LYS B 259 27.18 -14.86 -12.02
CA LYS B 259 28.26 -13.89 -12.11
C LYS B 259 28.50 -13.45 -13.55
N ASP B 260 28.22 -14.32 -14.52
CA ASP B 260 28.43 -13.99 -15.92
C ASP B 260 27.44 -12.97 -16.45
N LEU B 261 26.39 -12.66 -15.70
CA LEU B 261 25.50 -11.55 -16.04
C LEU B 261 26.21 -10.20 -16.00
N GLY B 262 27.32 -10.09 -15.26
CA GLY B 262 28.05 -8.84 -15.19
C GLY B 262 27.41 -7.77 -14.33
N LEU B 263 26.72 -8.16 -13.27
CA LEU B 263 25.99 -7.20 -12.45
C LEU B 263 26.84 -6.75 -11.26
N LYS B 264 26.77 -5.45 -10.95
CA LYS B 264 27.36 -4.89 -9.75
C LYS B 264 26.41 -3.82 -9.24
N TRP B 265 26.61 -3.44 -7.98
CA TRP B 265 25.98 -2.23 -7.45
C TRP B 265 26.93 -1.60 -6.46
N TYR B 266 26.59 -0.39 -6.05
CA TYR B 266 27.39 0.30 -5.05
C TYR B 266 26.82 0.03 -3.67
N GLY B 267 27.67 0.17 -2.66
CA GLY B 267 27.26 -0.17 -1.32
C GLY B 267 26.56 0.93 -0.54
N LEU B 268 26.77 2.20 -0.92
CA LEU B 268 26.35 3.34 -0.10
C LEU B 268 25.14 4.05 -0.71
N PRO B 269 23.94 3.91 -0.13
CA PRO B 269 22.77 4.68 -0.59
C PRO B 269 22.72 6.04 0.10
N ALA B 270 22.72 7.10 -0.68
CA ALA B 270 22.97 8.42 -0.09
C ALA B 270 22.09 9.42 -0.84
N VAL B 271 20.96 9.76 -0.23
CA VAL B 271 20.01 10.68 -0.85
C VAL B 271 20.54 12.10 -0.73
N SER B 272 20.62 12.80 -1.86
CA SER B 272 21.24 14.12 -1.87
C SER B 272 20.35 15.20 -2.45
N ASN B 273 19.06 14.94 -2.67
CA ASN B 273 18.23 15.93 -3.35
C ASN B 273 17.09 16.42 -2.50
N MET B 274 17.06 16.07 -1.23
CA MET B 274 15.97 16.52 -0.38
C MET B 274 16.35 17.76 0.41
N LEU B 275 15.36 18.30 1.11
CA LEU B 275 15.48 19.52 1.87
C LEU B 275 15.17 19.24 3.33
N LEU B 276 16.06 19.66 4.21
CA LEU B 276 15.92 19.46 5.64
C LEU B 276 15.36 20.72 6.25
N GLU B 277 14.17 20.62 6.85
CA GLU B 277 13.56 21.78 7.50
C GLU B 277 13.70 21.63 9.01
N ILE B 278 14.30 22.64 9.66
CA ILE B 278 14.44 22.68 11.11
C ILE B 278 14.09 24.08 11.57
N GLY B 279 13.12 24.19 12.47
CA GLY B 279 12.80 25.47 13.10
C GLY B 279 12.52 26.58 12.11
N GLY B 280 11.98 26.22 10.96
CA GLY B 280 11.71 27.20 9.93
C GLY B 280 12.86 27.47 8.99
N LEU B 281 14.05 26.94 9.26
CA LEU B 281 15.19 27.11 8.38
C LEU B 281 15.22 25.98 7.35
N GLU B 282 15.75 26.27 6.17
CA GLU B 282 15.72 25.34 5.05
C GLU B 282 17.13 25.00 4.60
N PHE B 283 17.53 23.75 4.77
CA PHE B 283 18.83 23.26 4.35
C PHE B 283 18.66 22.51 3.02
N SER B 284 18.79 23.23 1.90
CA SER B 284 18.51 22.66 0.58
C SER B 284 19.58 21.69 0.12
N ALA B 285 20.70 21.60 0.83
CA ALA B 285 21.76 20.64 0.54
C ALA B 285 22.08 19.89 1.82
N CYS B 286 21.63 18.64 1.92
CA CYS B 286 21.84 17.85 3.12
C CYS B 286 22.00 16.37 2.80
N PRO B 287 23.00 15.96 2.03
CA PRO B 287 23.10 14.55 1.66
C PRO B 287 23.14 13.67 2.90
N PHE B 288 22.34 12.59 2.89
CA PHE B 288 22.28 11.67 4.01
C PHE B 288 22.32 10.23 3.49
N SER B 289 22.88 9.34 4.31
CA SER B 289 23.19 8.01 3.82
C SER B 289 23.01 7.01 4.94
N GLY B 290 22.68 5.78 4.55
CA GLY B 290 22.53 4.69 5.50
C GLY B 290 23.13 3.42 4.94
N TRP B 291 22.38 2.33 4.99
CA TRP B 291 22.74 1.13 4.24
C TRP B 291 21.49 0.60 3.54
N TYR B 292 21.70 -0.29 2.58
CA TYR B 292 20.63 -0.75 1.71
C TYR B 292 19.77 -1.81 2.38
N MET B 293 18.47 -1.76 2.08
CA MET B 293 17.62 -2.93 2.17
C MET B 293 17.70 -3.64 0.82
N GLY B 294 17.86 -4.96 0.87
CA GLY B 294 18.14 -5.73 -0.34
C GLY B 294 17.15 -5.48 -1.48
N THR B 295 15.87 -5.26 -1.16
CA THR B 295 14.88 -5.13 -2.22
C THR B 295 15.05 -3.84 -3.02
N GLU B 296 15.65 -2.81 -2.42
CA GLU B 296 15.91 -1.57 -3.16
C GLU B 296 16.70 -1.85 -4.42
N ILE B 297 17.75 -2.67 -4.31
CA ILE B 297 18.57 -3.04 -5.47
C ILE B 297 17.88 -4.13 -6.29
N GLY B 298 17.49 -5.23 -5.63
CA GLY B 298 17.11 -6.43 -6.35
C GLY B 298 15.73 -6.36 -6.98
N VAL B 299 14.82 -5.61 -6.37
CA VAL B 299 13.47 -5.49 -6.93
C VAL B 299 13.38 -4.24 -7.80
N ARG B 300 13.67 -3.07 -7.21
CA ARG B 300 13.40 -1.82 -7.91
C ARG B 300 14.51 -1.46 -8.91
N ASP B 301 15.77 -1.42 -8.46
CA ASP B 301 16.85 -0.99 -9.36
C ASP B 301 17.03 -1.96 -10.53
N TYR B 302 16.92 -3.26 -10.27
CA TYR B 302 17.21 -4.22 -11.34
C TYR B 302 15.98 -4.61 -12.14
N CYS B 303 14.81 -4.74 -11.49
CA CYS B 303 13.66 -5.38 -12.13
C CYS B 303 12.54 -4.45 -12.54
N ASP B 304 12.57 -3.17 -12.14
CA ASP B 304 11.62 -2.22 -12.73
C ASP B 304 11.78 -2.21 -14.24
N ASN B 305 10.66 -2.18 -14.95
CA ASN B 305 10.71 -2.12 -16.40
C ASN B 305 11.43 -0.87 -16.88
N SER B 306 11.38 0.21 -16.09
CA SER B 306 11.99 1.47 -16.45
C SER B 306 13.40 1.64 -15.89
N ARG B 307 13.92 0.62 -15.22
CA ARG B 307 15.29 0.67 -14.71
C ARG B 307 16.15 -0.36 -15.46
N TYR B 308 16.93 -1.18 -14.73
CA TYR B 308 17.84 -2.09 -15.43
C TYR B 308 17.11 -3.25 -16.09
N ASN B 309 15.91 -3.59 -15.61
CA ASN B 309 14.96 -4.45 -16.33
C ASN B 309 15.55 -5.81 -16.75
N ILE B 310 16.05 -6.56 -15.77
CA ILE B 310 16.83 -7.78 -16.07
C ILE B 310 16.01 -9.06 -15.95
N LEU B 311 14.69 -8.96 -15.68
CA LEU B 311 13.91 -10.15 -15.32
C LEU B 311 13.94 -11.21 -16.42
N GLU B 312 13.75 -10.81 -17.68
CA GLU B 312 13.69 -11.82 -18.73
C GLU B 312 15.02 -12.54 -18.87
N GLU B 313 16.13 -11.80 -18.79
CA GLU B 313 17.45 -12.40 -18.94
C GLU B 313 17.67 -13.47 -17.88
N VAL B 314 17.35 -13.15 -16.62
CA VAL B 314 17.54 -14.12 -15.54
C VAL B 314 16.63 -15.33 -15.74
N ALA B 315 15.34 -15.09 -16.04
CA ALA B 315 14.43 -16.20 -16.32
C ALA B 315 14.89 -17.01 -17.53
N LYS B 316 15.59 -16.38 -18.46
CA LYS B 316 16.21 -17.12 -19.56
C LYS B 316 17.20 -18.16 -19.04
N LYS B 317 18.26 -17.72 -18.34
CA LYS B 317 19.28 -18.64 -17.85
C LYS B 317 18.73 -19.62 -16.82
N MET B 318 17.63 -19.28 -16.16
CA MET B 318 16.92 -20.23 -15.31
C MET B 318 16.08 -21.22 -16.11
N ASN B 319 15.95 -21.02 -17.42
CA ASN B 319 15.25 -21.96 -18.31
C ASN B 319 13.79 -22.14 -17.90
N LEU B 320 13.14 -21.02 -17.58
CA LEU B 320 11.74 -21.05 -17.15
C LEU B 320 10.82 -20.88 -18.36
N ASP B 321 9.65 -21.50 -18.29
CA ASP B 321 8.63 -21.30 -19.32
C ASP B 321 8.10 -19.88 -19.21
N MET B 322 8.34 -19.06 -20.23
CA MET B 322 7.96 -17.65 -20.20
C MET B 322 6.80 -17.34 -21.15
N ARG B 323 6.01 -18.35 -21.54
CA ARG B 323 4.97 -18.13 -22.53
C ARG B 323 3.68 -17.56 -21.92
N LYS B 324 3.39 -17.84 -20.65
CA LYS B 324 2.21 -17.29 -20.00
C LYS B 324 2.59 -16.69 -18.65
N THR B 325 1.87 -15.63 -18.27
CA THR B 325 2.12 -15.00 -16.98
C THR B 325 1.91 -15.97 -15.81
N SER B 326 0.89 -16.84 -15.91
CA SER B 326 0.50 -17.68 -14.79
C SER B 326 1.53 -18.75 -14.43
N SER B 327 2.61 -18.93 -15.20
CA SER B 327 3.73 -19.73 -14.68
C SER B 327 4.49 -19.01 -13.58
N LEU B 328 4.17 -17.73 -13.33
CA LEU B 328 4.88 -16.90 -12.35
C LEU B 328 6.39 -16.90 -12.59
N TRP B 329 6.81 -16.97 -13.87
CA TRP B 329 8.23 -16.93 -14.16
C TRP B 329 8.87 -15.65 -13.64
N LYS B 330 8.16 -14.52 -13.72
CA LYS B 330 8.70 -13.28 -13.18
C LYS B 330 8.94 -13.38 -11.68
N ASP B 331 8.00 -13.96 -10.94
CA ASP B 331 8.16 -14.03 -9.50
C ASP B 331 9.29 -14.98 -9.12
N GLN B 332 9.49 -16.05 -9.89
CA GLN B 332 10.59 -16.97 -9.61
C GLN B 332 11.94 -16.29 -9.80
N ALA B 333 12.12 -15.64 -10.96
CA ALA B 333 13.36 -14.93 -11.22
C ALA B 333 13.59 -13.81 -10.21
N LEU B 334 12.51 -13.17 -9.75
CA LEU B 334 12.71 -12.06 -8.82
C LEU B 334 13.30 -12.55 -7.51
N VAL B 335 12.86 -13.71 -7.01
CA VAL B 335 13.37 -14.20 -5.74
C VAL B 335 14.85 -14.54 -5.84
N GLU B 336 15.26 -15.13 -6.96
CA GLU B 336 16.67 -15.51 -7.13
C GLU B 336 17.57 -14.29 -7.24
N ILE B 337 17.09 -13.25 -7.92
CA ILE B 337 17.86 -12.01 -8.01
C ILE B 337 18.10 -11.43 -6.62
N ASN B 338 17.08 -11.47 -5.77
CA ASN B 338 17.22 -10.88 -4.46
C ASN B 338 18.01 -11.76 -3.49
N ILE B 339 18.03 -13.07 -3.71
CA ILE B 339 18.92 -13.94 -2.95
C ILE B 339 20.38 -13.60 -3.26
N ALA B 340 20.68 -13.37 -4.55
CA ALA B 340 22.05 -13.07 -4.96
C ALA B 340 22.53 -11.75 -4.38
N VAL B 341 21.68 -10.72 -4.37
CA VAL B 341 22.10 -9.42 -3.86
C VAL B 341 22.49 -9.53 -2.39
N LEU B 342 21.65 -10.20 -1.60
CA LEU B 342 21.96 -10.35 -0.17
C LEU B 342 23.21 -11.19 0.01
N TYR B 343 23.31 -12.30 -0.71
CA TYR B 343 24.48 -13.16 -0.62
C TYR B 343 25.76 -12.40 -0.97
N SER B 344 25.69 -11.53 -1.98
CA SER B 344 26.88 -10.86 -2.46
C SER B 344 27.38 -9.84 -1.43
N PHE B 345 26.50 -8.95 -1.00
CA PHE B 345 26.87 -8.00 0.04
C PHE B 345 27.39 -8.69 1.28
N GLN B 346 26.72 -9.78 1.72
CA GLN B 346 27.13 -10.46 2.93
C GLN B 346 28.49 -11.14 2.75
N SER B 347 28.70 -11.77 1.58
CA SER B 347 29.99 -12.42 1.31
C SER B 347 31.13 -11.41 1.30
N ASP B 348 30.86 -10.17 0.90
CA ASP B 348 31.86 -9.11 0.91
C ASP B 348 31.84 -8.29 2.18
N LYS B 349 31.03 -8.68 3.16
CA LYS B 349 30.98 -8.02 4.46
C LYS B 349 30.64 -6.54 4.30
N VAL B 350 29.68 -6.27 3.41
CA VAL B 350 29.12 -4.93 3.25
C VAL B 350 27.76 -4.94 3.91
N THR B 351 27.51 -3.95 4.75
CA THR B 351 26.25 -3.91 5.48
C THR B 351 25.07 -3.92 4.51
N ILE B 352 24.08 -4.75 4.82
CA ILE B 352 22.84 -4.81 4.06
C ILE B 352 21.82 -5.51 4.96
N VAL B 353 20.55 -5.17 4.76
CA VAL B 353 19.49 -5.79 5.54
C VAL B 353 18.46 -6.36 4.57
N ASP B 354 17.97 -7.57 4.86
CA ASP B 354 16.87 -8.12 4.07
C ASP B 354 15.55 -7.56 4.58
N HIS B 355 14.53 -7.65 3.71
CA HIS B 355 13.25 -7.05 4.02
C HIS B 355 12.52 -7.75 5.16
N HIS B 356 12.85 -9.02 5.45
CA HIS B 356 12.27 -9.66 6.63
C HIS B 356 12.84 -9.06 7.92
N SER B 357 14.16 -8.94 8.00
CA SER B 357 14.74 -8.36 9.20
C SER B 357 14.37 -6.89 9.33
N ALA B 358 14.37 -6.14 8.21
CA ALA B 358 14.09 -4.71 8.27
C ALA B 358 12.67 -4.44 8.75
N THR B 359 11.68 -5.13 8.19
CA THR B 359 10.30 -4.88 8.61
C THR B 359 10.08 -5.35 10.04
N GLU B 360 10.72 -6.45 10.45
CA GLU B 360 10.63 -6.87 11.84
C GLU B 360 11.19 -5.80 12.78
N SER B 361 12.37 -5.24 12.45
CA SER B 361 12.91 -4.15 13.26
CA SER B 361 12.91 -4.16 13.27
C SER B 361 11.96 -2.96 13.29
N PHE B 362 11.31 -2.67 12.16
CA PHE B 362 10.42 -1.52 12.14
C PHE B 362 9.20 -1.73 13.04
N ILE B 363 8.66 -2.95 13.09
CA ILE B 363 7.54 -3.19 14.01
C ILE B 363 7.98 -2.97 15.45
N LYS B 364 9.19 -3.45 15.79
CA LYS B 364 9.77 -3.21 17.12
C LYS B 364 9.97 -1.72 17.37
N HIS B 365 10.52 -1.00 16.38
CA HIS B 365 10.60 0.45 16.47
C HIS B 365 9.23 1.08 16.75
N MET B 366 8.21 0.64 16.01
CA MET B 366 6.86 1.16 16.23
C MET B 366 6.41 0.97 17.68
N GLU B 367 6.62 -0.23 18.24
CA GLU B 367 6.27 -0.46 19.64
CA GLU B 367 6.28 -0.47 19.64
C GLU B 367 6.98 0.54 20.56
N ASN B 368 8.29 0.71 20.36
CA ASN B 368 9.07 1.65 21.14
C ASN B 368 8.48 3.06 21.08
N GLU B 369 8.22 3.54 19.87
CA GLU B 369 7.76 4.91 19.68
C GLU B 369 6.39 5.13 20.30
N TYR B 370 5.50 4.15 20.21
CA TYR B 370 4.19 4.33 20.81
C TYR B 370 4.31 4.42 22.33
N ARG B 371 5.17 3.59 22.93
CA ARG B 371 5.31 3.62 24.38
C ARG B 371 5.94 4.93 24.87
N CYS B 372 7.08 5.33 24.31
CA CYS B 372 7.79 6.49 24.85
CA CYS B 372 7.79 6.49 24.85
C CYS B 372 7.39 7.80 24.19
N ARG B 373 6.81 7.77 23.00
CA ARG B 373 6.47 9.00 22.31
C ARG B 373 4.98 9.17 22.02
N GLY B 374 4.18 8.12 22.15
CA GLY B 374 2.75 8.22 21.88
C GLY B 374 2.38 8.07 20.42
N GLY B 375 3.30 7.63 19.57
CA GLY B 375 2.96 7.32 18.20
C GLY B 375 4.19 7.27 17.32
N CYS B 376 3.94 6.94 16.07
CA CYS B 376 5.00 6.86 15.07
C CYS B 376 4.37 7.05 13.69
N PRO B 377 4.56 8.21 13.06
CA PRO B 377 3.98 8.42 11.72
C PRO B 377 4.60 7.46 10.72
N ALA B 378 3.75 6.83 9.91
CA ALA B 378 4.29 5.82 9.01
C ALA B 378 3.40 5.66 7.79
N ASP B 379 4.06 5.52 6.64
CA ASP B 379 3.41 5.49 5.32
C ASP B 379 3.43 4.05 4.82
N TRP B 380 2.31 3.34 5.02
CA TRP B 380 2.22 1.93 4.65
C TRP B 380 2.63 1.70 3.19
N VAL B 381 2.23 2.61 2.30
CA VAL B 381 2.54 2.47 0.87
C VAL B 381 4.05 2.37 0.63
N TRP B 382 4.85 3.10 1.41
CA TRP B 382 6.30 3.04 1.28
C TRP B 382 6.96 2.01 2.21
N ILE B 383 6.37 1.75 3.37
CA ILE B 383 7.00 0.87 4.35
C ILE B 383 6.95 -0.59 3.89
N VAL B 384 5.82 -1.03 3.32
CA VAL B 384 5.69 -2.42 2.89
C VAL B 384 6.63 -2.67 1.72
N PRO B 385 7.45 -3.73 1.77
CA PRO B 385 8.48 -3.91 0.74
C PRO B 385 7.86 -4.25 -0.59
N PRO B 386 8.58 -4.05 -1.70
CA PRO B 386 8.00 -4.25 -3.03
C PRO B 386 7.92 -5.70 -3.49
N MET B 387 8.26 -6.67 -2.63
CA MET B 387 7.99 -8.08 -2.92
C MET B 387 7.61 -8.76 -1.61
N SER B 388 6.83 -9.83 -1.72
CA SER B 388 6.51 -10.66 -0.56
C SER B 388 5.80 -9.86 0.54
N GLY B 389 5.06 -8.84 0.15
CA GLY B 389 4.42 -7.95 1.10
C GLY B 389 3.82 -8.62 2.32
N SER B 390 2.93 -9.58 2.13
CA SER B 390 2.14 -10.06 3.26
C SER B 390 2.84 -11.15 4.06
N ILE B 391 4.03 -11.61 3.65
CA ILE B 391 4.80 -12.49 4.52
C ILE B 391 5.80 -11.65 5.32
N THR B 392 5.70 -10.31 5.23
CA THR B 392 6.41 -9.44 6.17
C THR B 392 5.40 -8.87 7.15
N PRO B 393 5.84 -8.57 8.38
CA PRO B 393 4.87 -8.16 9.41
C PRO B 393 4.28 -6.78 9.22
N VAL B 394 4.93 -5.88 8.48
CA VAL B 394 4.34 -4.56 8.28
C VAL B 394 3.10 -4.61 7.38
N PHE B 395 2.94 -5.64 6.54
CA PHE B 395 1.73 -5.72 5.73
C PHE B 395 0.48 -5.73 6.61
N HIS B 396 0.58 -6.34 7.78
CA HIS B 396 -0.60 -6.57 8.60
C HIS B 396 -0.77 -5.50 9.66
N GLN B 397 0.08 -4.47 9.63
CA GLN B 397 0.12 -3.43 10.64
C GLN B 397 -0.60 -2.19 10.15
N GLU B 398 -1.70 -1.82 10.80
CA GLU B 398 -2.26 -0.51 10.51
C GLU B 398 -1.26 0.57 10.93
N MET B 399 -1.19 1.63 10.15
CA MET B 399 -0.29 2.75 10.41
C MET B 399 -1.07 4.03 10.19
N LEU B 400 -0.72 5.04 10.95
CA LEU B 400 -1.25 6.39 10.76
C LEU B 400 -0.14 7.24 10.18
N ASN B 401 -0.47 8.03 9.17
CA ASN B 401 0.51 8.90 8.52
C ASN B 401 0.14 10.34 8.82
N TYR B 402 1.12 11.09 9.32
CA TYR B 402 0.94 12.50 9.62
C TYR B 402 2.33 13.15 9.57
N ARG B 403 2.34 14.47 9.49
CA ARG B 403 3.58 15.18 9.18
C ARG B 403 4.06 15.91 10.43
N LEU B 404 5.21 15.50 10.94
CA LEU B 404 5.86 16.13 12.08
C LEU B 404 7.10 16.88 11.62
N THR B 405 7.44 17.95 12.34
CA THR B 405 8.64 18.70 12.02
C THR B 405 9.59 18.66 13.22
N PRO B 406 10.92 18.70 13.01
CA PRO B 406 11.75 18.79 11.79
C PRO B 406 11.46 17.70 10.75
N SER B 407 11.70 17.96 9.46
CA SER B 407 11.34 16.99 8.45
C SER B 407 12.24 17.11 7.23
N PHE B 408 12.33 16.00 6.48
CA PHE B 408 12.82 16.00 5.12
C PHE B 408 11.67 16.21 4.15
N GLU B 409 11.85 17.15 3.23
CA GLU B 409 10.84 17.50 2.23
C GLU B 409 11.45 17.35 0.84
N TYR B 410 10.57 17.18 -0.15
CA TYR B 410 11.00 17.26 -1.54
C TYR B 410 11.20 18.72 -1.95
N GLN B 411 11.94 18.90 -3.02
CA GLN B 411 12.16 20.23 -3.59
C GLN B 411 12.30 20.08 -5.10
N PRO B 412 12.13 21.16 -5.86
CA PRO B 412 12.27 21.05 -7.31
C PRO B 412 13.67 20.63 -7.73
N ASP B 413 13.74 19.94 -8.86
CA ASP B 413 15.01 19.69 -9.51
C ASP B 413 15.72 21.02 -9.77
N PRO B 414 17.03 21.11 -9.49
CA PRO B 414 17.71 22.41 -9.66
C PRO B 414 17.79 22.86 -11.10
N TRP B 415 17.83 21.93 -12.07
CA TRP B 415 17.91 22.35 -13.46
C TRP B 415 16.60 22.91 -14.01
N ASN B 416 15.50 22.84 -13.26
CA ASN B 416 14.26 23.48 -13.67
C ASN B 416 14.13 24.90 -13.11
N THR B 417 15.09 25.37 -12.31
CA THR B 417 14.98 26.64 -11.62
C THR B 417 16.23 27.51 -11.72
N HIS B 418 17.39 26.94 -12.01
CA HIS B 418 18.65 27.67 -11.92
C HIS B 418 18.76 28.67 -13.06
N VAL B 419 18.87 29.95 -12.72
CA VAL B 419 19.15 30.99 -13.69
C VAL B 419 20.66 30.99 -13.94
N TRP B 420 21.06 30.53 -15.12
CA TRP B 420 22.47 30.31 -15.42
C TRP B 420 23.18 31.64 -15.68
N LYS B 421 24.47 31.55 -15.96
CA LYS B 421 25.31 32.67 -16.36
C LYS B 421 26.63 32.15 -16.90
CHA HEM C . -12.39 -7.17 -3.03
CHB HEM C . -11.02 -9.53 -7.04
CHC HEM C . -15.68 -9.79 -8.24
CHD HEM C . -16.80 -6.48 -4.91
C1A HEM C . -11.66 -7.91 -3.93
C2A HEM C . -10.33 -8.45 -3.72
C3A HEM C . -9.94 -9.10 -4.81
C4A HEM C . -11.02 -9.00 -5.77
CMA HEM C . -8.61 -9.84 -5.03
CAA HEM C . -9.52 -8.32 -2.42
CBA HEM C . -10.14 -9.37 -1.49
CGA HEM C . -9.42 -9.51 -0.17
O1A HEM C . -8.17 -9.29 -0.13
O2A HEM C . -10.11 -9.86 0.84
C1B HEM C . -12.18 -9.83 -7.72
C2B HEM C . -12.28 -10.59 -8.94
C3B HEM C . -13.56 -10.64 -9.30
C4B HEM C . -14.32 -9.94 -8.28
CMB HEM C . -11.09 -11.19 -9.72
CAB HEM C . -14.08 -11.37 -10.56
CBB HEM C . -15.29 -11.14 -11.09
C1C HEM C . -16.40 -8.95 -7.42
C2C HEM C . -17.85 -8.78 -7.46
C3C HEM C . -18.17 -7.86 -6.53
C4C HEM C . -16.93 -7.43 -5.89
CMC HEM C . -18.74 -9.60 -8.40
CAC HEM C . -19.54 -7.26 -6.13
CBC HEM C . -20.61 -7.37 -6.95
C1D HEM C . -15.71 -6.43 -4.10
C2D HEM C . -15.65 -5.72 -2.84
C3D HEM C . -14.45 -5.89 -2.30
C4D HEM C . -13.68 -6.75 -3.22
CMD HEM C . -16.81 -4.89 -2.25
CAD HEM C . -13.96 -5.33 -0.96
CBD HEM C . -13.97 -6.50 0.02
CGD HEM C . -13.73 -6.10 1.46
O1D HEM C . -13.70 -4.88 1.77
O2D HEM C . -13.56 -7.05 2.29
NA HEM C . -12.04 -8.26 -5.20
NB HEM C . -13.44 -9.43 -7.33
NC HEM C . -15.88 -8.10 -6.47
ND HEM C . -14.48 -7.04 -4.32
FE HEM C . -13.93 -7.92 -6.05
N1 H4B D . -5.24 -5.90 0.66
C2 H4B D . -6.15 -6.85 0.39
N2 H4B D . -6.48 -7.10 -0.90
N3 H4B D . -6.74 -7.55 1.38
C4 H4B D . -6.44 -7.33 2.67
O4 H4B D . -6.99 -7.99 3.57
C4A H4B D . -5.51 -6.35 2.97
C8A H4B D . -4.91 -5.65 1.95
N5 H4B D . -5.18 -6.10 4.26
N8 H4B D . -3.99 -4.67 2.22
C6 H4B D . -4.61 -4.78 4.55
C7 H4B D . -3.49 -4.45 3.58
C9 H4B D . -4.12 -4.64 6.00
O9 H4B D . -3.12 -5.61 6.29
C10 H4B D . -3.51 -3.26 6.23
C11 H4B D . -3.06 -3.10 7.68
O10 H4B D . -4.47 -2.24 5.93
C15 XVU E . -11.72 -13.15 2.52
C14 XVU E . -11.93 -14.46 2.92
C11 XVU E . -12.73 -13.65 0.36
C12 XVU E . -12.94 -14.96 0.78
C20 XVU E . -7.86 -12.91 2.43
C21 XVU E . -7.57 -11.91 4.56
C02 XVU E . -12.77 -12.32 -5.15
C03 XVU E . -14.06 -12.02 -5.59
C04 XVU E . -15.01 -11.64 -4.66
C05 XVU E . -14.65 -11.57 -3.31
C06 XVU E . -13.35 -11.87 -2.93
C07 XVU E . -16.42 -11.30 -5.08
C08 XVU E . -12.95 -11.83 -1.47
C09 XVU E . -13.19 -13.28 -1.03
C13 XVU E . -12.54 -15.35 2.05
C16 XVU E . -12.13 -12.74 1.24
C17 XVU E . -11.04 -12.20 3.48
C18 XVU E . -9.73 -12.82 3.99
F12 XVU E . -13.53 -15.86 -0.02
F13 XVU E . -12.75 -16.63 2.42
N01 XVU E . -12.45 -12.26 -3.84
N02 XVU E . -11.81 -12.72 -6.01
N19 XVU E . -8.52 -12.13 3.48
C1 GOL F . -21.90 9.78 -10.86
O1 GOL F . -21.71 9.13 -9.62
C2 GOL F . -22.19 8.70 -11.90
O2 GOL F . -22.19 7.44 -11.26
C3 GOL F . -21.09 8.65 -12.96
O3 GOL F . -21.06 7.34 -13.47
C1 GOL G . -26.58 -8.52 -16.26
O1 GOL G . -26.24 -9.41 -17.30
C2 GOL G . -28.09 -8.42 -16.09
O2 GOL G . -28.49 -7.16 -16.60
C3 GOL G . -28.50 -8.48 -14.62
O3 GOL G . -28.76 -9.81 -14.22
ZN ZN H . -5.55 9.50 3.27
CHA HEM I . 13.26 6.04 2.71
CHB HEM I . 15.62 2.16 4.51
CHC HEM I . 18.53 5.28 6.77
CHD HEM I . 15.69 9.04 5.70
C1A HEM I . 13.75 4.75 2.88
C2A HEM I . 13.44 3.59 2.06
C3A HEM I . 14.08 2.54 2.55
C4A HEM I . 14.83 2.96 3.72
CMA HEM I . 14.06 1.10 2.00
CAA HEM I . 12.55 3.60 0.80
CBA HEM I . 13.51 4.15 -0.26
CGA HEM I . 12.93 4.15 -1.64
O1A HEM I . 12.14 3.21 -1.98
O2A HEM I . 13.27 5.10 -2.41
C1B HEM I . 16.64 2.65 5.27
C2B HEM I . 17.68 1.88 5.94
C3B HEM I . 18.47 2.74 6.58
C4B HEM I . 17.98 4.10 6.32
CMB HEM I . 17.82 0.34 5.95
CAB HEM I . 19.70 2.30 7.41
CBB HEM I . 20.20 3.06 8.39
C1C HEM I . 18.06 6.57 6.64
C2C HEM I . 18.72 7.78 7.14
C3C HEM I . 17.94 8.83 6.83
C4C HEM I . 16.76 8.31 6.16
CMC HEM I . 20.12 7.82 7.84
CAC HEM I . 18.14 10.33 7.14
CBC HEM I . 18.95 10.80 8.13
C1D HEM I . 14.80 8.54 4.77
C2D HEM I . 13.82 9.34 4.07
C3D HEM I . 13.16 8.52 3.25
C4D HEM I . 13.68 7.17 3.39
CMD HEM I . 13.58 10.86 4.22
CAD HEM I . 12.03 8.98 2.30
CBD HEM I . 12.72 9.21 0.98
CGD HEM I . 11.76 9.75 -0.04
O1D HEM I . 10.65 10.21 0.35
O2D HEM I . 12.13 9.68 -1.24
NA HEM I . 14.60 4.32 3.89
NB HEM I . 16.85 3.98 5.53
NC HEM I . 16.87 6.95 6.06
ND HEM I . 14.67 7.23 4.34
FE HEM I . 15.56 5.59 5.21
N1 H4B J . 7.49 2.50 -1.86
C2 H4B J . 8.83 2.74 -1.81
N2 H4B J . 9.54 2.31 -0.74
N3 H4B J . 9.45 3.39 -2.82
C4 H4B J . 8.77 3.83 -3.91
O4 H4B J . 9.38 4.42 -4.82
C4A H4B J . 7.40 3.59 -3.96
C8A H4B J . 6.78 2.92 -2.92
N5 H4B J . 6.67 4.03 -5.01
N8 H4B J . 5.44 2.68 -2.95
C6 H4B J . 5.24 4.26 -4.74
C7 H4B J . 4.60 3.03 -4.09
C9 H4B J . 4.46 4.63 -5.99
O9 H4B J . 4.66 3.62 -6.97
C10 H4B J . 2.97 4.79 -5.69
C11 H4B J . 2.21 5.18 -6.95
O10 H4B J . 2.78 5.84 -4.72
C15 XVU K . 16.62 6.06 -5.05
C14 XVU K . 17.73 6.00 -5.90
C11 XVU K . 18.03 5.57 -3.15
C12 XVU K . 19.13 5.53 -4.00
C20 XVU K . 13.75 3.35 -6.68
C21 XVU K . 12.82 5.31 -7.77
C02 XVU K . 18.34 3.46 2.10
C03 XVU K . 18.83 4.45 2.95
C04 XVU K . 18.68 5.78 2.59
C05 XVU K . 18.07 6.08 1.38
C06 XVU K . 17.59 5.07 0.56
C07 XVU K . 19.19 6.88 3.49
C08 XVU K . 16.97 5.38 -0.77
C09 XVU K . 18.21 5.33 -1.67
C13 XVU K . 18.99 5.75 -5.37
C16 XVU K . 16.77 5.83 -3.69
C17 XVU K . 15.24 6.33 -5.59
C18 XVU K . 14.99 5.39 -6.76
F12 XVU K . 20.37 5.29 -3.52
F13 XVU K . 20.09 5.71 -6.16
N01 XVU K . 17.75 3.78 0.94
N02 XVU K . 18.48 2.16 2.44
N19 XVU K . 13.64 4.82 -6.65
C1 GOL L . 7.02 16.50 18.33
O1 GOL L . 6.24 17.47 18.98
C2 GOL L . 7.45 15.45 19.36
O2 GOL L . 6.91 15.77 20.62
C3 GOL L . 8.98 15.39 19.46
O3 GOL L . 9.34 14.28 20.26
#